data_1B7V
# 
_entry.id   1B7V 
# 
_audit_conform.dict_name       mmcif_pdbx.dic 
_audit_conform.dict_version    5.398 
_audit_conform.dict_location   http://mmcif.pdb.org/dictionaries/ascii/mmcif_pdbx.dic 
# 
loop_
_database_2.database_id 
_database_2.database_code 
_database_2.pdbx_database_accession 
_database_2.pdbx_DOI 
PDB   1B7V         pdb_00001b7v 10.2210/pdb1b7v/pdb 
RCSB  RCSB000375   ?            ?                   
WWPDB D_1000000375 ?            ?                   
# 
loop_
_pdbx_audit_revision_history.ordinal 
_pdbx_audit_revision_history.data_content_type 
_pdbx_audit_revision_history.major_revision 
_pdbx_audit_revision_history.minor_revision 
_pdbx_audit_revision_history.revision_date 
1 'Structure model' 1 0 2000-03-27 
2 'Structure model' 1 1 2008-04-26 
3 'Structure model' 1 2 2011-07-13 
4 'Structure model' 1 3 2013-01-30 
5 'Structure model' 1 4 2017-10-04 
6 'Structure model' 2 0 2021-03-03 
7 'Structure model' 2 1 2023-12-27 
8 'Structure model' 2 2 2024-10-30 
# 
_pdbx_audit_revision_details.ordinal             1 
_pdbx_audit_revision_details.revision_ordinal    1 
_pdbx_audit_revision_details.data_content_type   'Structure model' 
_pdbx_audit_revision_details.provider            repository 
_pdbx_audit_revision_details.type                'Initial release' 
_pdbx_audit_revision_details.description         ? 
_pdbx_audit_revision_details.details             ? 
# 
loop_
_pdbx_audit_revision_group.ordinal 
_pdbx_audit_revision_group.revision_ordinal 
_pdbx_audit_revision_group.data_content_type 
_pdbx_audit_revision_group.group 
1  2 'Structure model' 'Version format compliance' 
2  3 'Structure model' 'Version format compliance' 
3  4 'Structure model' 'Data collection'           
4  4 'Structure model' 'Database references'       
5  4 'Structure model' Other                       
6  5 'Structure model' 'Refinement description'    
7  6 'Structure model' 'Atomic model'              
8  6 'Structure model' 'Data collection'           
9  6 'Structure model' 'Derived calculations'      
10 6 'Structure model' 'Non-polymer description'   
11 6 'Structure model' 'Structure summary'         
12 7 'Structure model' 'Data collection'           
13 7 'Structure model' 'Database references'       
14 8 'Structure model' 'Structure summary'         
# 
loop_
_pdbx_audit_revision_category.ordinal 
_pdbx_audit_revision_category.revision_ordinal 
_pdbx_audit_revision_category.data_content_type 
_pdbx_audit_revision_category.category 
1  5 'Structure model' software                  
2  6 'Structure model' atom_site                 
3  6 'Structure model' chem_comp                 
4  6 'Structure model' diffrn_source             
5  6 'Structure model' entity                    
6  6 'Structure model' pdbx_entity_nonpoly       
7  6 'Structure model' pdbx_nonpoly_scheme       
8  6 'Structure model' pdbx_struct_conn_angle    
9  6 'Structure model' struct_conn               
10 6 'Structure model' struct_conn_type          
11 6 'Structure model' struct_site               
12 7 'Structure model' chem_comp_atom            
13 7 'Structure model' chem_comp_bond            
14 7 'Structure model' database_2                
15 8 'Structure model' pdbx_entry_details        
16 8 'Structure model' pdbx_modification_feature 
# 
loop_
_pdbx_audit_revision_item.ordinal 
_pdbx_audit_revision_item.revision_ordinal 
_pdbx_audit_revision_item.data_content_type 
_pdbx_audit_revision_item.item 
1  5 'Structure model' '_software.name'                               
2  6 'Structure model' '_atom_site.B_iso_or_equiv'                    
3  6 'Structure model' '_atom_site.Cartn_x'                           
4  6 'Structure model' '_atom_site.Cartn_y'                           
5  6 'Structure model' '_atom_site.Cartn_z'                           
6  6 'Structure model' '_atom_site.auth_atom_id'                      
7  6 'Structure model' '_atom_site.auth_comp_id'                      
8  6 'Structure model' '_atom_site.label_atom_id'                     
9  6 'Structure model' '_atom_site.label_comp_id'                     
10 6 'Structure model' '_atom_site.type_symbol'                       
11 6 'Structure model' '_chem_comp.formula'                           
12 6 'Structure model' '_chem_comp.formula_weight'                    
13 6 'Structure model' '_chem_comp.id'                                
14 6 'Structure model' '_chem_comp.name'                              
15 6 'Structure model' '_chem_comp.pdbx_synonyms'                     
16 6 'Structure model' '_diffrn_source.pdbx_synchrotron_site'         
17 6 'Structure model' '_entity.formula_weight'                       
18 6 'Structure model' '_entity.pdbx_description'                     
19 6 'Structure model' '_pdbx_entity_nonpoly.comp_id'                 
20 6 'Structure model' '_pdbx_entity_nonpoly.name'                    
21 6 'Structure model' '_pdbx_nonpoly_scheme.mon_id'                  
22 6 'Structure model' '_pdbx_nonpoly_scheme.pdb_mon_id'              
23 6 'Structure model' '_pdbx_struct_conn_angle.ptnr1_auth_comp_id'   
24 6 'Structure model' '_pdbx_struct_conn_angle.ptnr1_label_comp_id'  
25 6 'Structure model' '_pdbx_struct_conn_angle.ptnr2_auth_comp_id'   
26 6 'Structure model' '_pdbx_struct_conn_angle.ptnr2_label_comp_id'  
27 6 'Structure model' '_pdbx_struct_conn_angle.ptnr3_auth_comp_id'   
28 6 'Structure model' '_pdbx_struct_conn_angle.ptnr3_label_comp_id'  
29 6 'Structure model' '_struct_conn.conn_type_id'                    
30 6 'Structure model' '_struct_conn.id'                              
31 6 'Structure model' '_struct_conn.pdbx_dist_value'                 
32 6 'Structure model' '_struct_conn.pdbx_leaving_atom_flag'          
33 6 'Structure model' '_struct_conn.ptnr1_auth_comp_id'              
34 6 'Structure model' '_struct_conn.ptnr1_auth_seq_id'               
35 6 'Structure model' '_struct_conn.ptnr1_label_asym_id'             
36 6 'Structure model' '_struct_conn.ptnr1_label_atom_id'             
37 6 'Structure model' '_struct_conn.ptnr1_label_comp_id'             
38 6 'Structure model' '_struct_conn.ptnr1_label_seq_id'              
39 6 'Structure model' '_struct_conn.ptnr2_auth_comp_id'              
40 6 'Structure model' '_struct_conn.ptnr2_auth_seq_id'               
41 6 'Structure model' '_struct_conn.ptnr2_label_asym_id'             
42 6 'Structure model' '_struct_conn.ptnr2_label_atom_id'             
43 6 'Structure model' '_struct_conn.ptnr2_label_comp_id'             
44 6 'Structure model' '_struct_conn.ptnr2_label_seq_id'              
45 6 'Structure model' '_struct_conn_type.id'                         
46 6 'Structure model' '_struct_site.details'                         
47 6 'Structure model' '_struct_site.pdbx_auth_asym_id'               
48 6 'Structure model' '_struct_site.pdbx_auth_comp_id'               
49 6 'Structure model' '_struct_site.pdbx_auth_seq_id'                
50 7 'Structure model' '_database_2.pdbx_DOI'                         
51 7 'Structure model' '_database_2.pdbx_database_accession'          
52 8 'Structure model' '_pdbx_entry_details.has_protein_modification' 
# 
_pdbx_database_status.status_code                     REL 
_pdbx_database_status.entry_id                        1B7V 
_pdbx_database_status.recvd_initial_deposition_date   1999-01-22 
_pdbx_database_status.deposit_site                    BNL 
_pdbx_database_status.process_site                    RCSB 
_pdbx_database_status.status_code_sf                  REL 
_pdbx_database_status.SG_entry                        . 
_pdbx_database_status.status_code_mr                  ? 
_pdbx_database_status.status_code_cs                  ? 
_pdbx_database_status.methods_development_category    ? 
_pdbx_database_status.pdb_format_compatible           Y 
_pdbx_database_status.status_code_nmr_data            ? 
# 
loop_
_audit_author.name 
_audit_author.pdbx_ordinal 
'Gonzalez, A.'     1 
'Benini, S.'       2 
'Rypniewski, W.R.' 3 
'Wilson, K.S.'     4 
'Ciurli, S.'       5 
# 
loop_
_citation.id 
_citation.title 
_citation.journal_abbrev 
_citation.journal_volume 
_citation.page_first 
_citation.page_last 
_citation.year 
_citation.journal_id_ASTM 
_citation.country 
_citation.journal_id_ISSN 
_citation.journal_id_CSD 
_citation.book_publisher 
_citation.pdbx_database_id_PubMed 
_citation.pdbx_database_id_DOI 
primary 'Crystal structure of oxidized Bacillus pasteurii cytochrome c553 at 0.97-A resolution.'                     Biochemistry 
39 13115 13126 2000 BICHAW US 0006-2960 0033 ? 11052663 10.1021/bi000402j 
1       'Modulation of Bacillus Pasteurii Cytochrome C553 Reduction Potential by Structural and Solution Parameters' 
J.Biol.Inorg.Chem. 3  371   382   1998 JJBCFA GW 0949-8257 2154 ? ?        ?                 
2       'Crystals of Cytochrome C-553 from Bacillus Pasteurii Show Diffraction to 0.97 A Resolution'                 Proteins 28 
580   585   1997 PSFGEY US 0887-3585 0867 ? ?        ?                 
# 
loop_
_citation_author.citation_id 
_citation_author.name 
_citation_author.ordinal 
_citation_author.identifier_ORCID 
primary 'Benini, S.'        1  ? 
primary 'Gonzalez, A.'      2  ? 
primary 'Rypniewski, W.R.'  3  ? 
primary 'Wilson, K.S.'      4  ? 
primary 'Van Beeumen, J.J.' 5  ? 
primary 'Ciurli, S.'        6  ? 
1       'Benini, S.'        7  ? 
1       'Borsari, M.'       8  ? 
1       'Ciurli, S.'        9  ? 
1       'Dikiy, A.'         10 ? 
1       'Lamborghini, M.'   11 ? 
2       'Benini, S.'        12 ? 
2       'Ciurli, S.'        13 ? 
2       'Rypniewski, W.R.'  14 ? 
2       'Wilson, K.'        15 ? 
# 
loop_
_entity.id 
_entity.type 
_entity.src_method 
_entity.pdbx_description 
_entity.formula_weight 
_entity.pdbx_number_of_molecules 
_entity.pdbx_ec 
_entity.pdbx_mutation 
_entity.pdbx_fragment 
_entity.details 
1 polymer     nat 'PROTEIN (CYTOCHROME C-553)' 7115.937 1   ? ? ? ? 
2 non-polymer syn 'HEME C'                     618.503  1   ? ? ? ? 
3 water       nat water                        18.015   128 ? ? ? ? 
# 
_entity_poly.entity_id                      1 
_entity_poly.type                           'polypeptide(L)' 
_entity_poly.nstd_linkage                   no 
_entity_poly.nstd_monomer                   no 
_entity_poly.pdbx_seq_one_letter_code       VDAEAVVQQKCISCHGGDLTGASAPAIDKAGANYSEEEILDIILNGQGGMPGGIAKGAEAEAVAAWLAEKK 
_entity_poly.pdbx_seq_one_letter_code_can   VDAEAVVQQKCISCHGGDLTGASAPAIDKAGANYSEEEILDIILNGQGGMPGGIAKGAEAEAVAAWLAEKK 
_entity_poly.pdbx_strand_id                 A 
_entity_poly.pdbx_target_identifier         ? 
# 
loop_
_pdbx_entity_nonpoly.entity_id 
_pdbx_entity_nonpoly.name 
_pdbx_entity_nonpoly.comp_id 
2 'HEME C' HEC 
3 water    HOH 
# 
loop_
_entity_poly_seq.entity_id 
_entity_poly_seq.num 
_entity_poly_seq.mon_id 
_entity_poly_seq.hetero 
1 1  VAL n 
1 2  ASP n 
1 3  ALA n 
1 4  GLU n 
1 5  ALA n 
1 6  VAL n 
1 7  VAL n 
1 8  GLN n 
1 9  GLN n 
1 10 LYS n 
1 11 CYS n 
1 12 ILE n 
1 13 SER n 
1 14 CYS n 
1 15 HIS n 
1 16 GLY n 
1 17 GLY n 
1 18 ASP n 
1 19 LEU n 
1 20 THR n 
1 21 GLY n 
1 22 ALA n 
1 23 SER n 
1 24 ALA n 
1 25 PRO n 
1 26 ALA n 
1 27 ILE n 
1 28 ASP n 
1 29 LYS n 
1 30 ALA n 
1 31 GLY n 
1 32 ALA n 
1 33 ASN n 
1 34 TYR n 
1 35 SER n 
1 36 GLU n 
1 37 GLU n 
1 38 GLU n 
1 39 ILE n 
1 40 LEU n 
1 41 ASP n 
1 42 ILE n 
1 43 ILE n 
1 44 LEU n 
1 45 ASN n 
1 46 GLY n 
1 47 GLN n 
1 48 GLY n 
1 49 GLY n 
1 50 MET n 
1 51 PRO n 
1 52 GLY n 
1 53 GLY n 
1 54 ILE n 
1 55 ALA n 
1 56 LYS n 
1 57 GLY n 
1 58 ALA n 
1 59 GLU n 
1 60 ALA n 
1 61 GLU n 
1 62 ALA n 
1 63 VAL n 
1 64 ALA n 
1 65 ALA n 
1 66 TRP n 
1 67 LEU n 
1 68 ALA n 
1 69 GLU n 
1 70 LYS n 
1 71 LYS n 
# 
_entity_src_nat.entity_id                  1 
_entity_src_nat.pdbx_src_id                1 
_entity_src_nat.pdbx_alt_source_flag       sample 
_entity_src_nat.pdbx_beg_seq_num           ? 
_entity_src_nat.pdbx_end_seq_num           ? 
_entity_src_nat.common_name                ? 
_entity_src_nat.pdbx_organism_scientific   'Sporosarcina pasteurii' 
_entity_src_nat.pdbx_ncbi_taxonomy_id      1474 
_entity_src_nat.genus                      Sporosarcina 
_entity_src_nat.species                    ? 
_entity_src_nat.strain                     33 
_entity_src_nat.tissue                     ? 
_entity_src_nat.tissue_fraction            ? 
_entity_src_nat.pdbx_secretion             ? 
_entity_src_nat.pdbx_fragment              ? 
_entity_src_nat.pdbx_variant               ? 
_entity_src_nat.pdbx_cell_line             ? 
_entity_src_nat.pdbx_atcc                  ? 
_entity_src_nat.pdbx_cellular_location     MEMBRANE-BOUND 
_entity_src_nat.pdbx_organ                 ? 
_entity_src_nat.pdbx_organelle             ? 
_entity_src_nat.pdbx_cell                  ? 
_entity_src_nat.pdbx_plasmid_name          ? 
_entity_src_nat.pdbx_plasmid_details       ? 
_entity_src_nat.details                    'GERMAN COLLECTION OF MICROORGANISMS (DSM)' 
# 
loop_
_chem_comp.id 
_chem_comp.type 
_chem_comp.mon_nstd_flag 
_chem_comp.name 
_chem_comp.pdbx_synonyms 
_chem_comp.formula 
_chem_comp.formula_weight 
ALA 'L-peptide linking' y ALANINE         ? 'C3 H7 N O2'       89.093  
ASN 'L-peptide linking' y ASPARAGINE      ? 'C4 H8 N2 O3'      132.118 
ASP 'L-peptide linking' y 'ASPARTIC ACID' ? 'C4 H7 N O4'       133.103 
CYS 'L-peptide linking' y CYSTEINE        ? 'C3 H7 N O2 S'     121.158 
GLN 'L-peptide linking' y GLUTAMINE       ? 'C5 H10 N2 O3'     146.144 
GLU 'L-peptide linking' y 'GLUTAMIC ACID' ? 'C5 H9 N O4'       147.129 
GLY 'peptide linking'   y GLYCINE         ? 'C2 H5 N O2'       75.067  
HEC non-polymer         . 'HEME C'        ? 'C34 H34 Fe N4 O4' 618.503 
HIS 'L-peptide linking' y HISTIDINE       ? 'C6 H10 N3 O2 1'   156.162 
HOH non-polymer         . WATER           ? 'H2 O'             18.015  
ILE 'L-peptide linking' y ISOLEUCINE      ? 'C6 H13 N O2'      131.173 
LEU 'L-peptide linking' y LEUCINE         ? 'C6 H13 N O2'      131.173 
LYS 'L-peptide linking' y LYSINE          ? 'C6 H15 N2 O2 1'   147.195 
MET 'L-peptide linking' y METHIONINE      ? 'C5 H11 N O2 S'    149.211 
PRO 'L-peptide linking' y PROLINE         ? 'C5 H9 N O2'       115.130 
SER 'L-peptide linking' y SERINE          ? 'C3 H7 N O3'       105.093 
THR 'L-peptide linking' y THREONINE       ? 'C4 H9 N O3'       119.119 
TRP 'L-peptide linking' y TRYPTOPHAN      ? 'C11 H12 N2 O2'    204.225 
TYR 'L-peptide linking' y TYROSINE        ? 'C9 H11 N O3'      181.189 
VAL 'L-peptide linking' y VALINE          ? 'C5 H11 N O2'      117.146 
# 
loop_
_pdbx_poly_seq_scheme.asym_id 
_pdbx_poly_seq_scheme.entity_id 
_pdbx_poly_seq_scheme.seq_id 
_pdbx_poly_seq_scheme.mon_id 
_pdbx_poly_seq_scheme.ndb_seq_num 
_pdbx_poly_seq_scheme.pdb_seq_num 
_pdbx_poly_seq_scheme.auth_seq_num 
_pdbx_poly_seq_scheme.pdb_mon_id 
_pdbx_poly_seq_scheme.auth_mon_id 
_pdbx_poly_seq_scheme.pdb_strand_id 
_pdbx_poly_seq_scheme.pdb_ins_code 
_pdbx_poly_seq_scheme.hetero 
A 1 1  VAL 1  22 22 VAL VAL A . n 
A 1 2  ASP 2  23 23 ASP ASP A . n 
A 1 3  ALA 3  24 24 ALA ALA A . n 
A 1 4  GLU 4  25 25 GLU GLU A . n 
A 1 5  ALA 5  26 26 ALA ALA A . n 
A 1 6  VAL 6  27 27 VAL VAL A . n 
A 1 7  VAL 7  28 28 VAL VAL A . n 
A 1 8  GLN 8  29 29 GLN GLN A . n 
A 1 9  GLN 9  30 30 GLN GLN A . n 
A 1 10 LYS 10 31 31 LYS LYS A . n 
A 1 11 CYS 11 32 32 CYS CYS A . n 
A 1 12 ILE 12 33 33 ILE ILE A . n 
A 1 13 SER 13 34 34 SER SER A . n 
A 1 14 CYS 14 35 35 CYS CYS A . n 
A 1 15 HIS 15 36 36 HIS HIS A . n 
A 1 16 GLY 16 37 37 GLY GLY A . n 
A 1 17 GLY 17 38 38 GLY GLY A . n 
A 1 18 ASP 18 39 39 ASP ASP A . n 
A 1 19 LEU 19 40 40 LEU LEU A . n 
A 1 20 THR 20 41 41 THR THR A . n 
A 1 21 GLY 21 42 42 GLY GLY A . n 
A 1 22 ALA 22 43 43 ALA ALA A . n 
A 1 23 SER 23 44 44 SER SER A . n 
A 1 24 ALA 24 45 45 ALA ALA A . n 
A 1 25 PRO 25 46 46 PRO PRO A . n 
A 1 26 ALA 26 47 47 ALA ALA A . n 
A 1 27 ILE 27 48 48 ILE ILE A . n 
A 1 28 ASP 28 49 49 ASP ASP A . n 
A 1 29 LYS 29 50 50 LYS LYS A . n 
A 1 30 ALA 30 51 51 ALA ALA A . n 
A 1 31 GLY 31 52 52 GLY GLY A . n 
A 1 32 ALA 32 53 53 ALA ALA A . n 
A 1 33 ASN 33 54 54 ASN ASN A . n 
A 1 34 TYR 34 55 55 TYR TYR A . n 
A 1 35 SER 35 56 56 SER SER A . n 
A 1 36 GLU 36 57 57 GLU GLU A . n 
A 1 37 GLU 37 58 58 GLU GLU A . n 
A 1 38 GLU 38 59 59 GLU GLU A . n 
A 1 39 ILE 39 60 60 ILE ILE A . n 
A 1 40 LEU 40 61 61 LEU LEU A . n 
A 1 41 ASP 41 62 62 ASP ASP A . n 
A 1 42 ILE 42 63 63 ILE ILE A . n 
A 1 43 ILE 43 64 64 ILE ILE A . n 
A 1 44 LEU 44 65 65 LEU LEU A . n 
A 1 45 ASN 45 66 66 ASN ASN A . n 
A 1 46 GLY 46 67 67 GLY GLY A . n 
A 1 47 GLN 47 68 68 GLN GLN A . n 
A 1 48 GLY 48 69 69 GLY GLY A . n 
A 1 49 GLY 49 70 70 GLY GLY A . n 
A 1 50 MET 50 71 71 MET MET A . n 
A 1 51 PRO 51 72 72 PRO PRO A . n 
A 1 52 GLY 52 73 73 GLY GLY A . n 
A 1 53 GLY 53 74 74 GLY GLY A . n 
A 1 54 ILE 54 75 75 ILE ILE A . n 
A 1 55 ALA 55 76 76 ALA ALA A . n 
A 1 56 LYS 56 77 77 LYS LYS A . n 
A 1 57 GLY 57 78 78 GLY GLY A . n 
A 1 58 ALA 58 79 79 ALA ALA A . n 
A 1 59 GLU 59 80 80 GLU GLU A . n 
A 1 60 ALA 60 81 81 ALA ALA A . n 
A 1 61 GLU 61 82 82 GLU GLU A . n 
A 1 62 ALA 62 83 83 ALA ALA A . n 
A 1 63 VAL 63 84 84 VAL VAL A . n 
A 1 64 ALA 64 85 85 ALA ALA A . n 
A 1 65 ALA 65 86 86 ALA ALA A . n 
A 1 66 TRP 66 87 87 TRP TRP A . n 
A 1 67 LEU 67 88 88 LEU LEU A . n 
A 1 68 ALA 68 89 89 ALA ALA A . n 
A 1 69 GLU 69 90 90 GLU GLU A . n 
A 1 70 LYS 70 91 91 LYS LYS A . n 
A 1 71 LYS 71 92 92 LYS LYS A . n 
# 
loop_
_pdbx_nonpoly_scheme.asym_id 
_pdbx_nonpoly_scheme.entity_id 
_pdbx_nonpoly_scheme.mon_id 
_pdbx_nonpoly_scheme.ndb_seq_num 
_pdbx_nonpoly_scheme.pdb_seq_num 
_pdbx_nonpoly_scheme.auth_seq_num 
_pdbx_nonpoly_scheme.pdb_mon_id 
_pdbx_nonpoly_scheme.auth_mon_id 
_pdbx_nonpoly_scheme.pdb_strand_id 
_pdbx_nonpoly_scheme.pdb_ins_code 
B 2 HEC 1   93  93  HEC HEM A . 
C 3 HOH 1   94  1   HOH HOH A . 
C 3 HOH 2   95  2   HOH HOH A . 
C 3 HOH 3   96  3   HOH HOH A . 
C 3 HOH 4   97  4   HOH HOH A . 
C 3 HOH 5   98  5   HOH HOH A . 
C 3 HOH 6   99  6   HOH HOH A . 
C 3 HOH 7   100 7   HOH HOH A . 
C 3 HOH 8   101 8   HOH HOH A . 
C 3 HOH 9   102 9   HOH HOH A . 
C 3 HOH 10  103 10  HOH HOH A . 
C 3 HOH 11  104 11  HOH HOH A . 
C 3 HOH 12  105 12  HOH HOH A . 
C 3 HOH 13  106 13  HOH HOH A . 
C 3 HOH 14  107 14  HOH HOH A . 
C 3 HOH 15  108 15  HOH HOH A . 
C 3 HOH 16  109 16  HOH HOH A . 
C 3 HOH 17  110 17  HOH HOH A . 
C 3 HOH 18  111 18  HOH HOH A . 
C 3 HOH 19  112 19  HOH HOH A . 
C 3 HOH 20  113 20  HOH HOH A . 
C 3 HOH 21  114 21  HOH HOH A . 
C 3 HOH 22  115 22  HOH HOH A . 
C 3 HOH 23  116 23  HOH HOH A . 
C 3 HOH 24  117 24  HOH HOH A . 
C 3 HOH 25  118 25  HOH HOH A . 
C 3 HOH 26  119 26  HOH HOH A . 
C 3 HOH 27  120 27  HOH HOH A . 
C 3 HOH 28  121 28  HOH HOH A . 
C 3 HOH 29  122 29  HOH HOH A . 
C 3 HOH 30  123 30  HOH HOH A . 
C 3 HOH 31  124 31  HOH HOH A . 
C 3 HOH 32  125 32  HOH HOH A . 
C 3 HOH 33  126 33  HOH HOH A . 
C 3 HOH 34  127 35  HOH HOH A . 
C 3 HOH 35  128 36  HOH HOH A . 
C 3 HOH 36  129 37  HOH HOH A . 
C 3 HOH 37  130 38  HOH HOH A . 
C 3 HOH 38  131 39  HOH HOH A . 
C 3 HOH 39  132 40  HOH HOH A . 
C 3 HOH 40  133 41  HOH HOH A . 
C 3 HOH 41  134 42  HOH HOH A . 
C 3 HOH 42  135 43  HOH HOH A . 
C 3 HOH 43  136 44  HOH HOH A . 
C 3 HOH 44  137 45  HOH HOH A . 
C 3 HOH 45  138 46  HOH HOH A . 
C 3 HOH 46  139 48  HOH HOH A . 
C 3 HOH 47  140 49  HOH HOH A . 
C 3 HOH 48  141 50  HOH HOH A . 
C 3 HOH 49  142 51  HOH HOH A . 
C 3 HOH 50  143 52  HOH HOH A . 
C 3 HOH 51  144 53  HOH HOH A . 
C 3 HOH 52  145 54  HOH HOH A . 
C 3 HOH 53  146 55  HOH HOH A . 
C 3 HOH 54  147 56  HOH HOH A . 
C 3 HOH 55  148 57  HOH HOH A . 
C 3 HOH 56  149 58  HOH HOH A . 
C 3 HOH 57  150 59  HOH HOH A . 
C 3 HOH 58  151 60  HOH HOH A . 
C 3 HOH 59  152 61  HOH HOH A . 
C 3 HOH 60  153 62  HOH HOH A . 
C 3 HOH 61  154 63  HOH HOH A . 
C 3 HOH 62  155 64  HOH HOH A . 
C 3 HOH 63  156 65  HOH HOH A . 
C 3 HOH 64  157 66  HOH HOH A . 
C 3 HOH 65  158 67  HOH HOH A . 
C 3 HOH 66  159 68  HOH HOH A . 
C 3 HOH 67  160 69  HOH HOH A . 
C 3 HOH 68  161 70  HOH HOH A . 
C 3 HOH 69  162 71  HOH HOH A . 
C 3 HOH 70  163 72  HOH HOH A . 
C 3 HOH 71  164 73  HOH HOH A . 
C 3 HOH 72  165 74  HOH HOH A . 
C 3 HOH 73  166 75  HOH HOH A . 
C 3 HOH 74  167 76  HOH HOH A . 
C 3 HOH 75  168 77  HOH HOH A . 
C 3 HOH 76  169 78  HOH HOH A . 
C 3 HOH 77  170 79  HOH HOH A . 
C 3 HOH 78  171 80  HOH HOH A . 
C 3 HOH 79  172 81  HOH HOH A . 
C 3 HOH 80  173 82  HOH HOH A . 
C 3 HOH 81  174 83  HOH HOH A . 
C 3 HOH 82  175 84  HOH HOH A . 
C 3 HOH 83  176 85  HOH HOH A . 
C 3 HOH 84  177 86  HOH HOH A . 
C 3 HOH 85  178 87  HOH HOH A . 
C 3 HOH 86  179 88  HOH HOH A . 
C 3 HOH 87  180 89  HOH HOH A . 
C 3 HOH 88  181 91  HOH HOH A . 
C 3 HOH 89  182 92  HOH HOH A . 
C 3 HOH 90  183 93  HOH HOH A . 
C 3 HOH 91  184 95  HOH HOH A . 
C 3 HOH 92  185 96  HOH HOH A . 
C 3 HOH 93  186 97  HOH HOH A . 
C 3 HOH 94  187 98  HOH HOH A . 
C 3 HOH 95  188 100 HOH HOH A . 
C 3 HOH 96  189 101 HOH HOH A . 
C 3 HOH 97  190 103 HOH HOH A . 
C 3 HOH 98  191 104 HOH HOH A . 
C 3 HOH 99  192 105 HOH HOH A . 
C 3 HOH 100 193 107 HOH HOH A . 
C 3 HOH 101 194 109 HOH HOH A . 
C 3 HOH 102 195 110 HOH HOH A . 
C 3 HOH 103 196 115 HOH HOH A . 
C 3 HOH 104 197 119 HOH HOH A . 
C 3 HOH 105 198 122 HOH HOH A . 
C 3 HOH 106 199 126 HOH HOH A . 
C 3 HOH 107 200 129 HOH HOH A . 
C 3 HOH 108 201 131 HOH HOH A . 
C 3 HOH 109 202 133 HOH HOH A . 
C 3 HOH 110 203 135 HOH HOH A . 
C 3 HOH 111 204 140 HOH HOH A . 
C 3 HOH 112 205 155 HOH HOH A . 
C 3 HOH 113 206 156 HOH HOH A . 
C 3 HOH 114 207 172 HOH HOH A . 
C 3 HOH 115 208 177 HOH HOH A . 
C 3 HOH 116 209 201 HOH HOH A . 
C 3 HOH 117 210 209 HOH HOH A . 
C 3 HOH 118 211 216 HOH HOH A . 
C 3 HOH 119 212 222 HOH HOH A . 
C 3 HOH 120 213 232 HOH HOH A . 
C 3 HOH 121 214 252 HOH HOH A . 
C 3 HOH 122 215 256 HOH HOH A . 
C 3 HOH 123 216 269 HOH HOH A . 
C 3 HOH 124 217 282 HOH HOH A . 
C 3 HOH 125 218 283 HOH HOH A . 
C 3 HOH 126 219 284 HOH HOH A . 
C 3 HOH 127 220 285 HOH HOH A . 
C 3 HOH 128 221 286 HOH HOH A . 
# 
loop_
_software.name 
_software.classification 
_software.version 
_software.citation_id 
_software.pdbx_ordinal 
MLPHARE  phasing          .           ? 1 
REFMAC   refinement       .           ? 2 
DENZO    'data reduction' .           ? 3 
CCP4     'data scaling'   '(AGROVATA' ? 4 
ROTAVATA 'data scaling'   .           ? 5 
# 
_cell.entry_id           1B7V 
_cell.length_a           37.090 
_cell.length_b           39.160 
_cell.length_c           43.990 
_cell.angle_alpha        90.00 
_cell.angle_beta         90.00 
_cell.angle_gamma        90.00 
_cell.Z_PDB              4 
_cell.pdbx_unique_axis   ? 
_cell.length_a_esd       ? 
_cell.length_b_esd       ? 
_cell.length_c_esd       ? 
_cell.angle_alpha_esd    ? 
_cell.angle_beta_esd     ? 
_cell.angle_gamma_esd    ? 
# 
_symmetry.entry_id                         1B7V 
_symmetry.space_group_name_H-M             'P 21 21 21' 
_symmetry.pdbx_full_space_group_name_H-M   ? 
_symmetry.cell_setting                     orthorhombic 
_symmetry.Int_Tables_number                19 
_symmetry.space_group_name_Hall            ? 
# 
_exptl.entry_id          1B7V 
_exptl.method            'X-RAY DIFFRACTION' 
_exptl.crystals_number   1 
# 
_exptl_crystal.id                    1 
_exptl_crystal.density_meas          ? 
_exptl_crystal.density_Matthews      2.1 
_exptl_crystal.density_percent_sol   41 
_exptl_crystal.description           ? 
_exptl_crystal.F_000                 ? 
_exptl_crystal.preparation           ? 
# 
_exptl_crystal_grow.crystal_id      1 
_exptl_crystal_grow.method          'VAPOR DIFFUSION, HANGING DROP' 
_exptl_crystal_grow.temp            293 
_exptl_crystal_grow.temp_details    ? 
_exptl_crystal_grow.pH              8.0 
_exptl_crystal_grow.pdbx_details    
;8MG/ML OF CYTOCHROME, 20MM TRIS.HCL, PH 8.0 AT 20 DEGREES C, HANGING DROPS IN HAMPTON RESEARCH 24-WELL LINBRO PLATES, VAPOR DIFFUSION, HANGING DROP, temperature 293K
;
_exptl_crystal_grow.pdbx_pH_range   . 
# 
_exptl_crystal_grow_comp.crystal_id   1 
_exptl_crystal_grow_comp.id           1 
_exptl_crystal_grow_comp.sol_id       1 
_exptl_crystal_grow_comp.name         TRIS.HCL 
_exptl_crystal_grow_comp.volume       ? 
_exptl_crystal_grow_comp.conc         ? 
_exptl_crystal_grow_comp.details      ? 
# 
loop_
_diffrn.id 
_diffrn.ambient_temp 
_diffrn.ambient_temp_details 
_diffrn.crystal_id 
1 100 ? 1 
2 ?   ? 1 
3 ?   ? 1 
# 
_diffrn_detector.diffrn_id              1 
_diffrn_detector.detector               'IMAGE PLATE' 
_diffrn_detector.type                   MARRESEARCH 
_diffrn_detector.pdbx_collection_date   1996-12-15 
_diffrn_detector.details                MIRRORS 
# 
_diffrn_radiation.diffrn_id                        1 
_diffrn_radiation.wavelength_id                    1 
_diffrn_radiation.pdbx_monochromatic_or_laue_m_l   M 
_diffrn_radiation.monochromator                    'SI(111)' 
_diffrn_radiation.pdbx_diffrn_protocol             MAD 
_diffrn_radiation.pdbx_scattering_type             x-ray 
# 
loop_
_diffrn_radiation_wavelength.id 
_diffrn_radiation_wavelength.wavelength 
_diffrn_radiation_wavelength.wt 
1 1.741 1.0 
2 1.735 1.0 
3 1.000 1.0 
# 
loop_
_diffrn_source.diffrn_id 
_diffrn_source.source 
_diffrn_source.type 
_diffrn_source.pdbx_synchrotron_site 
_diffrn_source.pdbx_synchrotron_beamline 
_diffrn_source.pdbx_wavelength 
_diffrn_source.pdbx_wavelength_list 
1 SYNCHROTRON 'EMBL/DESY, HAMBURG BEAMLINE BW7A' 'EMBL/DESY, HAMBURG' BW7A 1.741 ? 
2 SYNCHROTRON 'EMBL/DESY, HAMBURG BEAMLINE BW7A' 'EMBL/DESY, HAMBURG' BW7A 1.735 ? 
3 SYNCHROTRON 'EMBL/DESY, HAMBURG BEAMLINE BW7A' 'EMBL/DESY, HAMBURG' BW7A 1.000 ? 
# 
_reflns.entry_id                     1B7V 
_reflns.observed_criterion_sigma_I   ? 
_reflns.observed_criterion_sigma_F   ? 
_reflns.d_resolution_low             20.0 
_reflns.d_resolution_high            1.7 
_reflns.number_obs                   7404 
_reflns.number_all                   ? 
_reflns.percent_possible_obs         99.5 
_reflns.pdbx_Rmerge_I_obs            ? 
_reflns.pdbx_Rsym_value              0.04 
_reflns.pdbx_netI_over_sigmaI        8.6 
_reflns.B_iso_Wilson_estimate        10.3 
_reflns.pdbx_redundancy              3.5 
_reflns.R_free_details               ? 
_reflns.limit_h_max                  ? 
_reflns.limit_h_min                  ? 
_reflns.limit_k_max                  ? 
_reflns.limit_k_min                  ? 
_reflns.limit_l_max                  ? 
_reflns.limit_l_min                  ? 
_reflns.observed_criterion_F_max     ? 
_reflns.observed_criterion_F_min     ? 
_reflns.pdbx_chi_squared             ? 
_reflns.pdbx_scaling_rejects         ? 
_reflns.pdbx_ordinal                 1 
_reflns.pdbx_diffrn_id               1 
# 
_reflns_shell.d_res_high             1.7 
_reflns_shell.d_res_low              1.76 
_reflns_shell.percent_possible_all   97.1 
_reflns_shell.Rmerge_I_obs           ? 
_reflns_shell.pdbx_Rsym_value        0.101 
_reflns_shell.meanI_over_sigI_obs    5.4 
_reflns_shell.pdbx_redundancy        3.5 
_reflns_shell.percent_possible_obs   ? 
_reflns_shell.number_unique_all      ? 
_reflns_shell.number_measured_all    ? 
_reflns_shell.number_measured_obs    ? 
_reflns_shell.number_unique_obs      ? 
_reflns_shell.pdbx_chi_squared       ? 
_reflns_shell.pdbx_ordinal           1 
_reflns_shell.pdbx_diffrn_id         1 
# 
_refine.entry_id                                 1B7V 
_refine.ls_number_reflns_obs                     7404 
_refine.ls_number_reflns_all                     7404 
_refine.pdbx_ls_sigma_I                          ? 
_refine.pdbx_ls_sigma_F                          0.0 
_refine.pdbx_data_cutoff_high_absF               ? 
_refine.pdbx_data_cutoff_low_absF                ? 
_refine.pdbx_data_cutoff_high_rms_absF           ? 
_refine.ls_d_res_low                             20.0 
_refine.ls_d_res_high                            1.7 
_refine.ls_percent_reflns_obs                    99.5 
_refine.ls_R_factor_obs                          0.1740000 
_refine.ls_R_factor_all                          ? 
_refine.ls_R_factor_R_work                       0.1740000 
_refine.ls_R_factor_R_free                       0.2060000 
_refine.ls_R_factor_R_free_error                 ? 
_refine.ls_R_factor_R_free_error_details         ? 
_refine.ls_percent_reflns_R_free                 5 
_refine.ls_number_reflns_R_free                  343 
_refine.ls_number_parameters                     ? 
_refine.ls_number_restraints                     ? 
_refine.occupancy_min                            ? 
_refine.occupancy_max                            ? 
_refine.B_iso_mean                               10.3 
_refine.aniso_B[1][1]                            ? 
_refine.aniso_B[2][2]                            ? 
_refine.aniso_B[3][3]                            ? 
_refine.aniso_B[1][2]                            ? 
_refine.aniso_B[1][3]                            ? 
_refine.aniso_B[2][3]                            ? 
_refine.solvent_model_details                    ? 
_refine.solvent_model_param_ksol                 ? 
_refine.solvent_model_param_bsol                 ? 
_refine.pdbx_ls_cross_valid_method               ? 
_refine.details                                  ? 
_refine.pdbx_starting_model                      ? 
_refine.pdbx_method_to_determine_struct          MAD 
_refine.pdbx_isotropic_thermal_model             ? 
_refine.pdbx_stereochemistry_target_values       ? 
_refine.pdbx_stereochem_target_val_spec_case     ? 
_refine.pdbx_R_Free_selection_details            RANDOM 
_refine.pdbx_overall_ESU_R                       0.12 
_refine.pdbx_overall_ESU_R_Free                  0.11 
_refine.overall_SU_ML                            0.06 
_refine.overall_SU_B                             1.94 
_refine.ls_redundancy_reflns_obs                 ? 
_refine.B_iso_min                                ? 
_refine.B_iso_max                                ? 
_refine.correlation_coeff_Fo_to_Fc               ? 
_refine.correlation_coeff_Fo_to_Fc_free          ? 
_refine.overall_SU_R_Cruickshank_DPI             ? 
_refine.overall_SU_R_free                        ? 
_refine.pdbx_refine_id                           'X-RAY DIFFRACTION' 
_refine.pdbx_overall_phase_error                 ? 
_refine.pdbx_solvent_vdw_probe_radii             ? 
_refine.pdbx_solvent_ion_probe_radii             ? 
_refine.pdbx_solvent_shrinkage_radii             ? 
_refine.ls_wR_factor_R_free                      ? 
_refine.ls_wR_factor_R_work                      ? 
_refine.overall_FOM_free_R_set                   ? 
_refine.overall_FOM_work_R_set                   ? 
_refine.pdbx_diffrn_id                           1 
_refine.pdbx_TLS_residual_ADP_flag               ? 
_refine.pdbx_overall_SU_R_free_Cruickshank_DPI   ? 
_refine.pdbx_overall_SU_R_Blow_DPI               ? 
_refine.pdbx_overall_SU_R_free_Blow_DPI          ? 
# 
_refine_hist.pdbx_refine_id                   'X-RAY DIFFRACTION' 
_refine_hist.cycle_id                         LAST 
_refine_hist.pdbx_number_atoms_protein        496 
_refine_hist.pdbx_number_atoms_nucleic_acid   0 
_refine_hist.pdbx_number_atoms_ligand         43 
_refine_hist.number_atoms_solvent             128 
_refine_hist.number_atoms_total               667 
_refine_hist.d_res_high                       1.7 
_refine_hist.d_res_low                        20.0 
# 
loop_
_refine_ls_restr.type 
_refine_ls_restr.dev_ideal 
_refine_ls_restr.dev_ideal_target 
_refine_ls_restr.weight 
_refine_ls_restr.number 
_refine_ls_restr.pdbx_refine_id 
_refine_ls_restr.pdbx_restraint_function 
p_bond_d            0.01   0.02  ? ? 'X-RAY DIFFRACTION' ? 
p_angle_d           0.027  0.040 ? ? 'X-RAY DIFFRACTION' ? 
p_angle_deg         ?      ?     ? ? 'X-RAY DIFFRACTION' ? 
p_planar_d          0.027  0.050 ? ? 'X-RAY DIFFRACTION' ? 
p_hb_or_metal_coord ?      ?     ? ? 'X-RAY DIFFRACTION' ? 
p_mcbond_it         1.593  3.0   ? ? 'X-RAY DIFFRACTION' ? 
p_mcangle_it        2.054  5.0   ? ? 'X-RAY DIFFRACTION' ? 
p_scbond_it         3.811  6.00  ? ? 'X-RAY DIFFRACTION' ? 
p_scangle_it        5.24   8.0   ? ? 'X-RAY DIFFRACTION' ? 
p_plane_restr       0.0248 ?     ? ? 'X-RAY DIFFRACTION' ? 
p_chiral_restr      0.071  ?     ? ? 'X-RAY DIFFRACTION' ? 
p_singtor_nbd       0.178  0.3   ? ? 'X-RAY DIFFRACTION' ? 
p_multtor_nbd       0.377  0.3   ? ? 'X-RAY DIFFRACTION' ? 
p_xhyhbond_nbd      ?      ?     ? ? 'X-RAY DIFFRACTION' ? 
p_xyhbond_nbd       ?      ?     ? ? 'X-RAY DIFFRACTION' ? 
p_planar_tor        4.4    7.0   ? ? 'X-RAY DIFFRACTION' ? 
p_staggered_tor     12.3   15.0  ? ? 'X-RAY DIFFRACTION' ? 
p_orthonormal_tor   ?      ?     ? ? 'X-RAY DIFFRACTION' ? 
p_transverse_tor    15.2   20.0  ? ? 'X-RAY DIFFRACTION' ? 
p_special_tor       15.0   ?     ? ? 'X-RAY DIFFRACTION' ? 
# 
_struct.entry_id                  1B7V 
_struct.title                     'Structure of the C-553 cytochrome from Bacillus pasteruii to 1.7 A resolution' 
_struct.pdbx_model_details        ? 
_struct.pdbx_CASP_flag            ? 
_struct.pdbx_model_type_details   ? 
# 
_struct_keywords.entry_id        1B7V 
_struct_keywords.pdbx_keywords   'ELECTRON TRANSFER' 
_struct_keywords.text            'CYTOCHROME, ELECTRON TRANSFER' 
# 
loop_
_struct_asym.id 
_struct_asym.pdbx_blank_PDB_chainid_flag 
_struct_asym.pdbx_modified 
_struct_asym.entity_id 
_struct_asym.details 
A N N 1 ? 
B N N 2 ? 
C N N 3 ? 
# 
_struct_ref.id                         1 
_struct_ref.db_name                    UNP 
_struct_ref.db_code                    CY553_BACPA 
_struct_ref.pdbx_db_accession          P82599 
_struct_ref.entity_id                  1 
_struct_ref.pdbx_align_begin           22 
_struct_ref.pdbx_seq_one_letter_code   ? 
_struct_ref.pdbx_db_isoform            ? 
# 
_struct_ref_seq.align_id                      1 
_struct_ref_seq.ref_id                        1 
_struct_ref_seq.pdbx_PDB_id_code              1B7V 
_struct_ref_seq.pdbx_strand_id                A 
_struct_ref_seq.seq_align_beg                 1 
_struct_ref_seq.pdbx_seq_align_beg_ins_code   ? 
_struct_ref_seq.seq_align_end                 71 
_struct_ref_seq.pdbx_seq_align_end_ins_code   ? 
_struct_ref_seq.pdbx_db_accession             P82599 
_struct_ref_seq.db_align_beg                  22 
_struct_ref_seq.pdbx_db_align_beg_ins_code    ? 
_struct_ref_seq.db_align_end                  92 
_struct_ref_seq.pdbx_db_align_end_ins_code    ? 
_struct_ref_seq.pdbx_auth_seq_align_beg       22 
_struct_ref_seq.pdbx_auth_seq_align_end       92 
# 
_pdbx_struct_assembly.id                   1 
_pdbx_struct_assembly.details              author_defined_assembly 
_pdbx_struct_assembly.method_details       ? 
_pdbx_struct_assembly.oligomeric_details   monomeric 
_pdbx_struct_assembly.oligomeric_count     1 
# 
_pdbx_struct_assembly_gen.assembly_id       1 
_pdbx_struct_assembly_gen.oper_expression   1 
_pdbx_struct_assembly_gen.asym_id_list      A,B,C 
# 
_pdbx_struct_oper_list.id                   1 
_pdbx_struct_oper_list.type                 'identity operation' 
_pdbx_struct_oper_list.name                 1_555 
_pdbx_struct_oper_list.symmetry_operation   x,y,z 
_pdbx_struct_oper_list.matrix[1][1]         1.0000000000 
_pdbx_struct_oper_list.matrix[1][2]         0.0000000000 
_pdbx_struct_oper_list.matrix[1][3]         0.0000000000 
_pdbx_struct_oper_list.vector[1]            0.0000000000 
_pdbx_struct_oper_list.matrix[2][1]         0.0000000000 
_pdbx_struct_oper_list.matrix[2][2]         1.0000000000 
_pdbx_struct_oper_list.matrix[2][3]         0.0000000000 
_pdbx_struct_oper_list.vector[2]            0.0000000000 
_pdbx_struct_oper_list.matrix[3][1]         0.0000000000 
_pdbx_struct_oper_list.matrix[3][2]         0.0000000000 
_pdbx_struct_oper_list.matrix[3][3]         1.0000000000 
_pdbx_struct_oper_list.vector[3]            0.0000000000 
# 
_struct_biol.id                    1 
_struct_biol.pdbx_parent_biol_id   ? 
_struct_biol.details               ? 
# 
loop_
_struct_conf.conf_type_id 
_struct_conf.id 
_struct_conf.pdbx_PDB_helix_id 
_struct_conf.beg_label_comp_id 
_struct_conf.beg_label_asym_id 
_struct_conf.beg_label_seq_id 
_struct_conf.pdbx_beg_PDB_ins_code 
_struct_conf.end_label_comp_id 
_struct_conf.end_label_asym_id 
_struct_conf.end_label_seq_id 
_struct_conf.pdbx_end_PDB_ins_code 
_struct_conf.beg_auth_comp_id 
_struct_conf.beg_auth_asym_id 
_struct_conf.beg_auth_seq_id 
_struct_conf.end_auth_comp_id 
_struct_conf.end_auth_asym_id 
_struct_conf.end_auth_seq_id 
_struct_conf.pdbx_PDB_helix_class 
_struct_conf.details 
_struct_conf.pdbx_PDB_helix_length 
HELX_P HELX_P1 1 ALA A 3  ? LYS A 10 ? ALA A 24 LYS A 31 1 ? 8  
HELX_P HELX_P2 2 ILE A 12 ? HIS A 15 ? ILE A 33 HIS A 36 1 ? 4  
HELX_P HELX_P3 3 ALA A 30 ? ASN A 33 ? ALA A 51 ASN A 54 1 ? 4  
HELX_P HELX_P4 4 GLU A 36 ? ASN A 45 ? GLU A 57 ASN A 66 1 ? 10 
HELX_P HELX_P5 5 GLY A 57 ? GLU A 69 ? GLY A 78 GLU A 90 1 ? 13 
# 
_struct_conf_type.id          HELX_P 
_struct_conf_type.criteria    ? 
_struct_conf_type.reference   ? 
# 
loop_
_struct_conn.id 
_struct_conn.conn_type_id 
_struct_conn.pdbx_leaving_atom_flag 
_struct_conn.pdbx_PDB_id 
_struct_conn.ptnr1_label_asym_id 
_struct_conn.ptnr1_label_comp_id 
_struct_conn.ptnr1_label_seq_id 
_struct_conn.ptnr1_label_atom_id 
_struct_conn.pdbx_ptnr1_label_alt_id 
_struct_conn.pdbx_ptnr1_PDB_ins_code 
_struct_conn.pdbx_ptnr1_standard_comp_id 
_struct_conn.ptnr1_symmetry 
_struct_conn.ptnr2_label_asym_id 
_struct_conn.ptnr2_label_comp_id 
_struct_conn.ptnr2_label_seq_id 
_struct_conn.ptnr2_label_atom_id 
_struct_conn.pdbx_ptnr2_label_alt_id 
_struct_conn.pdbx_ptnr2_PDB_ins_code 
_struct_conn.ptnr1_auth_asym_id 
_struct_conn.ptnr1_auth_comp_id 
_struct_conn.ptnr1_auth_seq_id 
_struct_conn.ptnr2_auth_asym_id 
_struct_conn.ptnr2_auth_comp_id 
_struct_conn.ptnr2_auth_seq_id 
_struct_conn.ptnr2_symmetry 
_struct_conn.pdbx_ptnr3_label_atom_id 
_struct_conn.pdbx_ptnr3_label_seq_id 
_struct_conn.pdbx_ptnr3_label_comp_id 
_struct_conn.pdbx_ptnr3_label_asym_id 
_struct_conn.pdbx_ptnr3_label_alt_id 
_struct_conn.pdbx_ptnr3_PDB_ins_code 
_struct_conn.details 
_struct_conn.pdbx_dist_value 
_struct_conn.pdbx_value_order 
_struct_conn.pdbx_role 
covale1 covale none ? A CYS 11 SG  ? ? ? 1_555 B HEC . CAB ? ? A CYS 32 A HEC 93 1_555 ? ? ? ? ? ? ? 1.755 ? ? 
covale2 covale none ? A CYS 14 SG  ? ? ? 1_555 B HEC . CAC ? ? A CYS 35 A HEC 93 1_555 ? ? ? ? ? ? ? 1.904 ? ? 
metalc1 metalc ?    ? A HIS 15 NE2 ? ? ? 1_555 B HEC . FE  ? ? A HIS 36 A HEC 93 1_555 ? ? ? ? ? ? ? 2.306 ? ? 
metalc2 metalc ?    ? A MET 50 SD  ? ? ? 1_555 B HEC . FE  ? ? A MET 71 A HEC 93 1_555 ? ? ? ? ? ? ? 2.207 ? ? 
# 
loop_
_struct_conn_type.id 
_struct_conn_type.criteria 
_struct_conn_type.reference 
covale ? ? 
metalc ? ? 
# 
loop_
_pdbx_struct_conn_angle.id 
_pdbx_struct_conn_angle.ptnr1_label_atom_id 
_pdbx_struct_conn_angle.ptnr1_label_alt_id 
_pdbx_struct_conn_angle.ptnr1_label_asym_id 
_pdbx_struct_conn_angle.ptnr1_label_comp_id 
_pdbx_struct_conn_angle.ptnr1_label_seq_id 
_pdbx_struct_conn_angle.ptnr1_auth_atom_id 
_pdbx_struct_conn_angle.ptnr1_auth_asym_id 
_pdbx_struct_conn_angle.ptnr1_auth_comp_id 
_pdbx_struct_conn_angle.ptnr1_auth_seq_id 
_pdbx_struct_conn_angle.ptnr1_PDB_ins_code 
_pdbx_struct_conn_angle.ptnr1_symmetry 
_pdbx_struct_conn_angle.ptnr2_label_atom_id 
_pdbx_struct_conn_angle.ptnr2_label_alt_id 
_pdbx_struct_conn_angle.ptnr2_label_asym_id 
_pdbx_struct_conn_angle.ptnr2_label_comp_id 
_pdbx_struct_conn_angle.ptnr2_label_seq_id 
_pdbx_struct_conn_angle.ptnr2_auth_atom_id 
_pdbx_struct_conn_angle.ptnr2_auth_asym_id 
_pdbx_struct_conn_angle.ptnr2_auth_comp_id 
_pdbx_struct_conn_angle.ptnr2_auth_seq_id 
_pdbx_struct_conn_angle.ptnr2_PDB_ins_code 
_pdbx_struct_conn_angle.ptnr2_symmetry 
_pdbx_struct_conn_angle.ptnr3_label_atom_id 
_pdbx_struct_conn_angle.ptnr3_label_alt_id 
_pdbx_struct_conn_angle.ptnr3_label_asym_id 
_pdbx_struct_conn_angle.ptnr3_label_comp_id 
_pdbx_struct_conn_angle.ptnr3_label_seq_id 
_pdbx_struct_conn_angle.ptnr3_auth_atom_id 
_pdbx_struct_conn_angle.ptnr3_auth_asym_id 
_pdbx_struct_conn_angle.ptnr3_auth_comp_id 
_pdbx_struct_conn_angle.ptnr3_auth_seq_id 
_pdbx_struct_conn_angle.ptnr3_PDB_ins_code 
_pdbx_struct_conn_angle.ptnr3_symmetry 
_pdbx_struct_conn_angle.value 
_pdbx_struct_conn_angle.value_esd 
1  NE2 ? A HIS 15 ? A HIS 36 ? 1_555 FE ? B HEC . ? A HEC 93 ? 1_555 NA ? B HEC .  ? A HEC 93 ? 1_555 81.9  ? 
2  NE2 ? A HIS 15 ? A HIS 36 ? 1_555 FE ? B HEC . ? A HEC 93 ? 1_555 NB ? B HEC .  ? A HEC 93 ? 1_555 87.9  ? 
3  NA  ? B HEC .  ? A HEC 93 ? 1_555 FE ? B HEC . ? A HEC 93 ? 1_555 NB ? B HEC .  ? A HEC 93 ? 1_555 87.4  ? 
4  NE2 ? A HIS 15 ? A HIS 36 ? 1_555 FE ? B HEC . ? A HEC 93 ? 1_555 NC ? B HEC .  ? A HEC 93 ? 1_555 88.1  ? 
5  NA  ? B HEC .  ? A HEC 93 ? 1_555 FE ? B HEC . ? A HEC 93 ? 1_555 NC ? B HEC .  ? A HEC 93 ? 1_555 169.9 ? 
6  NB  ? B HEC .  ? A HEC 93 ? 1_555 FE ? B HEC . ? A HEC 93 ? 1_555 NC ? B HEC .  ? A HEC 93 ? 1_555 91.0  ? 
7  NE2 ? A HIS 15 ? A HIS 36 ? 1_555 FE ? B HEC . ? A HEC 93 ? 1_555 ND ? B HEC .  ? A HEC 93 ? 1_555 81.7  ? 
8  NA  ? B HEC .  ? A HEC 93 ? 1_555 FE ? B HEC . ? A HEC 93 ? 1_555 ND ? B HEC .  ? A HEC 93 ? 1_555 90.1  ? 
9  NB  ? B HEC .  ? A HEC 93 ? 1_555 FE ? B HEC . ? A HEC 93 ? 1_555 ND ? B HEC .  ? A HEC 93 ? 1_555 169.5 ? 
10 NC  ? B HEC .  ? A HEC 93 ? 1_555 FE ? B HEC . ? A HEC 93 ? 1_555 ND ? B HEC .  ? A HEC 93 ? 1_555 89.7  ? 
11 NE2 ? A HIS 15 ? A HIS 36 ? 1_555 FE ? B HEC . ? A HEC 93 ? 1_555 SD ? A MET 50 ? A MET 71 ? 1_555 169.3 ? 
12 NA  ? B HEC .  ? A HEC 93 ? 1_555 FE ? B HEC . ? A HEC 93 ? 1_555 SD ? A MET 50 ? A MET 71 ? 1_555 88.2  ? 
13 NB  ? B HEC .  ? A HEC 93 ? 1_555 FE ? B HEC . ? A HEC 93 ? 1_555 SD ? A MET 50 ? A MET 71 ? 1_555 95.8  ? 
14 NC  ? B HEC .  ? A HEC 93 ? 1_555 FE ? B HEC . ? A HEC 93 ? 1_555 SD ? A MET 50 ? A MET 71 ? 1_555 101.9 ? 
15 ND  ? B HEC .  ? A HEC 93 ? 1_555 FE ? B HEC . ? A HEC 93 ? 1_555 SD ? A MET 50 ? A MET 71 ? 1_555 94.3  ? 
# 
loop_
_pdbx_modification_feature.ordinal 
_pdbx_modification_feature.label_comp_id 
_pdbx_modification_feature.label_asym_id 
_pdbx_modification_feature.label_seq_id 
_pdbx_modification_feature.label_alt_id 
_pdbx_modification_feature.modified_residue_label_comp_id 
_pdbx_modification_feature.modified_residue_label_asym_id 
_pdbx_modification_feature.modified_residue_label_seq_id 
_pdbx_modification_feature.modified_residue_label_alt_id 
_pdbx_modification_feature.auth_comp_id 
_pdbx_modification_feature.auth_asym_id 
_pdbx_modification_feature.auth_seq_id 
_pdbx_modification_feature.PDB_ins_code 
_pdbx_modification_feature.symmetry 
_pdbx_modification_feature.modified_residue_auth_comp_id 
_pdbx_modification_feature.modified_residue_auth_asym_id 
_pdbx_modification_feature.modified_residue_auth_seq_id 
_pdbx_modification_feature.modified_residue_PDB_ins_code 
_pdbx_modification_feature.modified_residue_symmetry 
_pdbx_modification_feature.comp_id_linking_atom 
_pdbx_modification_feature.modified_residue_id_linking_atom 
_pdbx_modification_feature.modified_residue_id 
_pdbx_modification_feature.ref_pcm_id 
_pdbx_modification_feature.ref_comp_id 
_pdbx_modification_feature.type 
_pdbx_modification_feature.category 
1 HEC B . ? CYS A 11 ? HEC A 93 ? 1_555 CYS A 32 ? 1_555 CAB SG CYS 2 HEC None Heme/heme-like 
2 HEC B . ? CYS A 14 ? HEC A 93 ? 1_555 CYS A 35 ? 1_555 CAC SG CYS 3 HEC None Heme/heme-like 
# 
_struct_site.id                   AC1 
_struct_site.pdbx_evidence_code   Software 
_struct_site.pdbx_auth_asym_id    A 
_struct_site.pdbx_auth_comp_id    HEC 
_struct_site.pdbx_auth_seq_id     93 
_struct_site.pdbx_auth_ins_code   ? 
_struct_site.pdbx_num_residues    19 
_struct_site.details              'BINDING SITE FOR RESIDUE HEC A 93' 
# 
loop_
_struct_site_gen.id 
_struct_site_gen.site_id 
_struct_site_gen.pdbx_num_res 
_struct_site_gen.label_comp_id 
_struct_site_gen.label_asym_id 
_struct_site_gen.label_seq_id 
_struct_site_gen.pdbx_auth_ins_code 
_struct_site_gen.auth_comp_id 
_struct_site_gen.auth_asym_id 
_struct_site_gen.auth_seq_id 
_struct_site_gen.label_atom_id 
_struct_site_gen.label_alt_id 
_struct_site_gen.symmetry 
_struct_site_gen.details 
1  AC1 19 GLU A 4  ? GLU A 25 . ? 2_564 ? 
2  AC1 19 LYS A 10 ? LYS A 31 . ? 1_555 ? 
3  AC1 19 CYS A 11 ? CYS A 32 . ? 1_555 ? 
4  AC1 19 CYS A 14 ? CYS A 35 . ? 1_555 ? 
5  AC1 19 HIS A 15 ? HIS A 36 . ? 1_555 ? 
6  AC1 19 ALA A 24 ? ALA A 45 . ? 1_555 ? 
7  AC1 19 PRO A 25 ? PRO A 46 . ? 1_555 ? 
8  AC1 19 ALA A 26 ? ALA A 47 . ? 1_555 ? 
9  AC1 19 ILE A 27 ? ILE A 48 . ? 1_555 ? 
10 AC1 19 TYR A 34 ? TYR A 55 . ? 1_555 ? 
11 AC1 19 GLN A 47 ? GLN A 68 . ? 1_555 ? 
12 AC1 19 GLY A 49 ? GLY A 70 . ? 1_555 ? 
13 AC1 19 MET A 50 ? MET A 71 . ? 1_555 ? 
14 AC1 19 ILE A 54 ? ILE A 75 . ? 1_555 ? 
15 AC1 19 GLY A 57 ? GLY A 78 . ? 4_565 ? 
16 AC1 19 GLU A 61 ? GLU A 82 . ? 4_565 ? 
17 AC1 19 LEU A 67 ? LEU A 88 . ? 1_555 ? 
18 AC1 19 HOH C .  ? HOH A 94 . ? 1_555 ? 
19 AC1 19 HOH C .  ? HOH A 96 . ? 4_565 ? 
# 
_pdbx_entry_details.entry_id                   1B7V 
_pdbx_entry_details.compound_details           ? 
_pdbx_entry_details.source_details             ? 
_pdbx_entry_details.nonpolymer_details         ? 
_pdbx_entry_details.sequence_details           
;TER
 LYS: THE FIRST 21 RESIDUES WERE NOT VISIBLE, PROTEIN
 PRESUMEDLY CLEAVED AT RESIDUE VAL 22
;
_pdbx_entry_details.has_ligand_of_interest     ? 
_pdbx_entry_details.has_protein_modification   Y 
# 
loop_
_pdbx_validate_close_contact.id 
_pdbx_validate_close_contact.PDB_model_num 
_pdbx_validate_close_contact.auth_atom_id_1 
_pdbx_validate_close_contact.auth_asym_id_1 
_pdbx_validate_close_contact.auth_comp_id_1 
_pdbx_validate_close_contact.auth_seq_id_1 
_pdbx_validate_close_contact.PDB_ins_code_1 
_pdbx_validate_close_contact.label_alt_id_1 
_pdbx_validate_close_contact.auth_atom_id_2 
_pdbx_validate_close_contact.auth_asym_id_2 
_pdbx_validate_close_contact.auth_comp_id_2 
_pdbx_validate_close_contact.auth_seq_id_2 
_pdbx_validate_close_contact.PDB_ins_code_2 
_pdbx_validate_close_contact.label_alt_id_2 
_pdbx_validate_close_contact.dist 
1  1 OE2 A GLU 82  ? ? O A HOH 204 ? ? 1.39 
2  1 O   A HOH 116 ? ? O A HOH 161 ? ? 1.41 
3  1 O   A HOH 152 ? ? O A HOH 197 ? ? 1.49 
4  1 O   A HOH 105 ? ? O A HOH 204 ? ? 1.50 
5  1 O   A HOH 124 ? ? O A HOH 220 ? ? 1.60 
6  1 O   A HOH 163 ? ? O A HOH 186 ? ? 1.68 
7  1 O   A HOH 131 ? ? O A HOH 173 ? ? 1.73 
8  1 NZ  A LYS 50  ? ? O A HOH 199 ? ? 1.80 
9  1 O   A HOH 184 ? ? O A HOH 202 ? ? 1.89 
10 1 OE1 A GLN 68  ? ? O A HOH 215 ? ? 1.94 
11 1 O   A HOH 109 ? ? O A HOH 174 ? ? 1.98 
12 1 N   A VAL 22  ? ? O A HOH 208 ? ? 2.10 
13 1 CD  A GLU 82  ? ? O A HOH 204 ? ? 2.16 
14 1 O   A HOH 161 ? ? O A HOH 193 ? ? 2.17 
# 
loop_
_pdbx_validate_symm_contact.id 
_pdbx_validate_symm_contact.PDB_model_num 
_pdbx_validate_symm_contact.auth_atom_id_1 
_pdbx_validate_symm_contact.auth_asym_id_1 
_pdbx_validate_symm_contact.auth_comp_id_1 
_pdbx_validate_symm_contact.auth_seq_id_1 
_pdbx_validate_symm_contact.PDB_ins_code_1 
_pdbx_validate_symm_contact.label_alt_id_1 
_pdbx_validate_symm_contact.site_symmetry_1 
_pdbx_validate_symm_contact.auth_atom_id_2 
_pdbx_validate_symm_contact.auth_asym_id_2 
_pdbx_validate_symm_contact.auth_comp_id_2 
_pdbx_validate_symm_contact.auth_seq_id_2 
_pdbx_validate_symm_contact.PDB_ins_code_2 
_pdbx_validate_symm_contact.label_alt_id_2 
_pdbx_validate_symm_contact.site_symmetry_2 
_pdbx_validate_symm_contact.dist 
1 1 O A HOH 213 ? ? 1_555 O A HOH 219 ? ? 3_555 1.79 
2 1 O A HOH 145 ? ? 1_555 O A HOH 173 ? ? 4_465 1.82 
3 1 O A HOH 171 ? ? 1_555 O A HOH 220 ? ? 4_565 1.89 
# 
loop_
_pdbx_validate_rmsd_angle.id 
_pdbx_validate_rmsd_angle.PDB_model_num 
_pdbx_validate_rmsd_angle.auth_atom_id_1 
_pdbx_validate_rmsd_angle.auth_asym_id_1 
_pdbx_validate_rmsd_angle.auth_comp_id_1 
_pdbx_validate_rmsd_angle.auth_seq_id_1 
_pdbx_validate_rmsd_angle.PDB_ins_code_1 
_pdbx_validate_rmsd_angle.label_alt_id_1 
_pdbx_validate_rmsd_angle.auth_atom_id_2 
_pdbx_validate_rmsd_angle.auth_asym_id_2 
_pdbx_validate_rmsd_angle.auth_comp_id_2 
_pdbx_validate_rmsd_angle.auth_seq_id_2 
_pdbx_validate_rmsd_angle.PDB_ins_code_2 
_pdbx_validate_rmsd_angle.label_alt_id_2 
_pdbx_validate_rmsd_angle.auth_atom_id_3 
_pdbx_validate_rmsd_angle.auth_asym_id_3 
_pdbx_validate_rmsd_angle.auth_comp_id_3 
_pdbx_validate_rmsd_angle.auth_seq_id_3 
_pdbx_validate_rmsd_angle.PDB_ins_code_3 
_pdbx_validate_rmsd_angle.label_alt_id_3 
_pdbx_validate_rmsd_angle.angle_value 
_pdbx_validate_rmsd_angle.angle_target_value 
_pdbx_validate_rmsd_angle.angle_deviation 
_pdbx_validate_rmsd_angle.angle_standard_deviation 
_pdbx_validate_rmsd_angle.linker_flag 
1 1 CE1 A HIS 36 ? ? NE2 A HIS 36 ? ? CD2 A HIS 36 ? ? 115.13 109.00 6.13   0.70 N 
2 1 N   A THR 41 ? ? CA  A THR 41 ? ? CB  A THR 41 ? ? 95.08  110.30 -15.22 1.90 N 
# 
loop_
_pdbx_validate_torsion.id 
_pdbx_validate_torsion.PDB_model_num 
_pdbx_validate_torsion.auth_comp_id 
_pdbx_validate_torsion.auth_asym_id 
_pdbx_validate_torsion.auth_seq_id 
_pdbx_validate_torsion.PDB_ins_code 
_pdbx_validate_torsion.label_alt_id 
_pdbx_validate_torsion.phi 
_pdbx_validate_torsion.psi 
1 1 ALA A 43 ? ? -144.25 -105.45 
2 1 GLN A 68 ? ? -173.23 121.94  
# 
loop_
_chem_comp_atom.comp_id 
_chem_comp_atom.atom_id 
_chem_comp_atom.type_symbol 
_chem_comp_atom.pdbx_aromatic_flag 
_chem_comp_atom.pdbx_stereo_config 
_chem_comp_atom.pdbx_ordinal 
ALA N    N  N N 1   
ALA CA   C  N S 2   
ALA C    C  N N 3   
ALA O    O  N N 4   
ALA CB   C  N N 5   
ALA OXT  O  N N 6   
ALA H    H  N N 7   
ALA H2   H  N N 8   
ALA HA   H  N N 9   
ALA HB1  H  N N 10  
ALA HB2  H  N N 11  
ALA HB3  H  N N 12  
ALA HXT  H  N N 13  
ASN N    N  N N 14  
ASN CA   C  N S 15  
ASN C    C  N N 16  
ASN O    O  N N 17  
ASN CB   C  N N 18  
ASN CG   C  N N 19  
ASN OD1  O  N N 20  
ASN ND2  N  N N 21  
ASN OXT  O  N N 22  
ASN H    H  N N 23  
ASN H2   H  N N 24  
ASN HA   H  N N 25  
ASN HB2  H  N N 26  
ASN HB3  H  N N 27  
ASN HD21 H  N N 28  
ASN HD22 H  N N 29  
ASN HXT  H  N N 30  
ASP N    N  N N 31  
ASP CA   C  N S 32  
ASP C    C  N N 33  
ASP O    O  N N 34  
ASP CB   C  N N 35  
ASP CG   C  N N 36  
ASP OD1  O  N N 37  
ASP OD2  O  N N 38  
ASP OXT  O  N N 39  
ASP H    H  N N 40  
ASP H2   H  N N 41  
ASP HA   H  N N 42  
ASP HB2  H  N N 43  
ASP HB3  H  N N 44  
ASP HD2  H  N N 45  
ASP HXT  H  N N 46  
CYS N    N  N N 47  
CYS CA   C  N R 48  
CYS C    C  N N 49  
CYS O    O  N N 50  
CYS CB   C  N N 51  
CYS SG   S  N N 52  
CYS OXT  O  N N 53  
CYS H    H  N N 54  
CYS H2   H  N N 55  
CYS HA   H  N N 56  
CYS HB2  H  N N 57  
CYS HB3  H  N N 58  
CYS HG   H  N N 59  
CYS HXT  H  N N 60  
GLN N    N  N N 61  
GLN CA   C  N S 62  
GLN C    C  N N 63  
GLN O    O  N N 64  
GLN CB   C  N N 65  
GLN CG   C  N N 66  
GLN CD   C  N N 67  
GLN OE1  O  N N 68  
GLN NE2  N  N N 69  
GLN OXT  O  N N 70  
GLN H    H  N N 71  
GLN H2   H  N N 72  
GLN HA   H  N N 73  
GLN HB2  H  N N 74  
GLN HB3  H  N N 75  
GLN HG2  H  N N 76  
GLN HG3  H  N N 77  
GLN HE21 H  N N 78  
GLN HE22 H  N N 79  
GLN HXT  H  N N 80  
GLU N    N  N N 81  
GLU CA   C  N S 82  
GLU C    C  N N 83  
GLU O    O  N N 84  
GLU CB   C  N N 85  
GLU CG   C  N N 86  
GLU CD   C  N N 87  
GLU OE1  O  N N 88  
GLU OE2  O  N N 89  
GLU OXT  O  N N 90  
GLU H    H  N N 91  
GLU H2   H  N N 92  
GLU HA   H  N N 93  
GLU HB2  H  N N 94  
GLU HB3  H  N N 95  
GLU HG2  H  N N 96  
GLU HG3  H  N N 97  
GLU HE2  H  N N 98  
GLU HXT  H  N N 99  
GLY N    N  N N 100 
GLY CA   C  N N 101 
GLY C    C  N N 102 
GLY O    O  N N 103 
GLY OXT  O  N N 104 
GLY H    H  N N 105 
GLY H2   H  N N 106 
GLY HA2  H  N N 107 
GLY HA3  H  N N 108 
GLY HXT  H  N N 109 
HEC FE   FE N N 110 
HEC CHA  C  N N 111 
HEC CHB  C  N N 112 
HEC CHC  C  N N 113 
HEC CHD  C  N N 114 
HEC NA   N  Y N 115 
HEC C1A  C  Y N 116 
HEC C2A  C  Y N 117 
HEC C3A  C  Y N 118 
HEC C4A  C  Y N 119 
HEC CMA  C  N N 120 
HEC CAA  C  N N 121 
HEC CBA  C  N N 122 
HEC CGA  C  N N 123 
HEC O1A  O  N N 124 
HEC O2A  O  N N 125 
HEC NB   N  Y N 126 
HEC C1B  C  Y N 127 
HEC C2B  C  Y N 128 
HEC C3B  C  Y N 129 
HEC C4B  C  Y N 130 
HEC CMB  C  N N 131 
HEC CAB  C  N N 132 
HEC CBB  C  N N 133 
HEC NC   N  Y N 134 
HEC C1C  C  Y N 135 
HEC C2C  C  Y N 136 
HEC C3C  C  Y N 137 
HEC C4C  C  Y N 138 
HEC CMC  C  N N 139 
HEC CAC  C  N N 140 
HEC CBC  C  N N 141 
HEC ND   N  Y N 142 
HEC C1D  C  Y N 143 
HEC C2D  C  Y N 144 
HEC C3D  C  Y N 145 
HEC C4D  C  Y N 146 
HEC CMD  C  N N 147 
HEC CAD  C  N N 148 
HEC CBD  C  N N 149 
HEC CGD  C  N N 150 
HEC O1D  O  N N 151 
HEC O2D  O  N N 152 
HEC HHA  H  N N 153 
HEC HHB  H  N N 154 
HEC HHC  H  N N 155 
HEC HHD  H  N N 156 
HEC HMA1 H  N N 157 
HEC HMA2 H  N N 158 
HEC HMA3 H  N N 159 
HEC HAA1 H  N N 160 
HEC HAA2 H  N N 161 
HEC HBA1 H  N N 162 
HEC HBA2 H  N N 163 
HEC H2A  H  N N 164 
HEC HMB1 H  N N 165 
HEC HMB2 H  N N 166 
HEC HMB3 H  N N 167 
HEC HAB  H  N N 168 
HEC HBB1 H  N N 169 
HEC HBB2 H  N N 170 
HEC HBB3 H  N N 171 
HEC HMC1 H  N N 172 
HEC HMC2 H  N N 173 
HEC HMC3 H  N N 174 
HEC HAC  H  N N 175 
HEC HBC1 H  N N 176 
HEC HBC2 H  N N 177 
HEC HBC3 H  N N 178 
HEC HMD1 H  N N 179 
HEC HMD2 H  N N 180 
HEC HMD3 H  N N 181 
HEC HAD1 H  N N 182 
HEC HAD2 H  N N 183 
HEC HBD1 H  N N 184 
HEC HBD2 H  N N 185 
HEC H2D  H  N N 186 
HIS N    N  N N 187 
HIS CA   C  N S 188 
HIS C    C  N N 189 
HIS O    O  N N 190 
HIS CB   C  N N 191 
HIS CG   C  Y N 192 
HIS ND1  N  Y N 193 
HIS CD2  C  Y N 194 
HIS CE1  C  Y N 195 
HIS NE2  N  Y N 196 
HIS OXT  O  N N 197 
HIS H    H  N N 198 
HIS H2   H  N N 199 
HIS HA   H  N N 200 
HIS HB2  H  N N 201 
HIS HB3  H  N N 202 
HIS HD1  H  N N 203 
HIS HD2  H  N N 204 
HIS HE1  H  N N 205 
HIS HE2  H  N N 206 
HIS HXT  H  N N 207 
HOH O    O  N N 208 
HOH H1   H  N N 209 
HOH H2   H  N N 210 
ILE N    N  N N 211 
ILE CA   C  N S 212 
ILE C    C  N N 213 
ILE O    O  N N 214 
ILE CB   C  N S 215 
ILE CG1  C  N N 216 
ILE CG2  C  N N 217 
ILE CD1  C  N N 218 
ILE OXT  O  N N 219 
ILE H    H  N N 220 
ILE H2   H  N N 221 
ILE HA   H  N N 222 
ILE HB   H  N N 223 
ILE HG12 H  N N 224 
ILE HG13 H  N N 225 
ILE HG21 H  N N 226 
ILE HG22 H  N N 227 
ILE HG23 H  N N 228 
ILE HD11 H  N N 229 
ILE HD12 H  N N 230 
ILE HD13 H  N N 231 
ILE HXT  H  N N 232 
LEU N    N  N N 233 
LEU CA   C  N S 234 
LEU C    C  N N 235 
LEU O    O  N N 236 
LEU CB   C  N N 237 
LEU CG   C  N N 238 
LEU CD1  C  N N 239 
LEU CD2  C  N N 240 
LEU OXT  O  N N 241 
LEU H    H  N N 242 
LEU H2   H  N N 243 
LEU HA   H  N N 244 
LEU HB2  H  N N 245 
LEU HB3  H  N N 246 
LEU HG   H  N N 247 
LEU HD11 H  N N 248 
LEU HD12 H  N N 249 
LEU HD13 H  N N 250 
LEU HD21 H  N N 251 
LEU HD22 H  N N 252 
LEU HD23 H  N N 253 
LEU HXT  H  N N 254 
LYS N    N  N N 255 
LYS CA   C  N S 256 
LYS C    C  N N 257 
LYS O    O  N N 258 
LYS CB   C  N N 259 
LYS CG   C  N N 260 
LYS CD   C  N N 261 
LYS CE   C  N N 262 
LYS NZ   N  N N 263 
LYS OXT  O  N N 264 
LYS H    H  N N 265 
LYS H2   H  N N 266 
LYS HA   H  N N 267 
LYS HB2  H  N N 268 
LYS HB3  H  N N 269 
LYS HG2  H  N N 270 
LYS HG3  H  N N 271 
LYS HD2  H  N N 272 
LYS HD3  H  N N 273 
LYS HE2  H  N N 274 
LYS HE3  H  N N 275 
LYS HZ1  H  N N 276 
LYS HZ2  H  N N 277 
LYS HZ3  H  N N 278 
LYS HXT  H  N N 279 
MET N    N  N N 280 
MET CA   C  N S 281 
MET C    C  N N 282 
MET O    O  N N 283 
MET CB   C  N N 284 
MET CG   C  N N 285 
MET SD   S  N N 286 
MET CE   C  N N 287 
MET OXT  O  N N 288 
MET H    H  N N 289 
MET H2   H  N N 290 
MET HA   H  N N 291 
MET HB2  H  N N 292 
MET HB3  H  N N 293 
MET HG2  H  N N 294 
MET HG3  H  N N 295 
MET HE1  H  N N 296 
MET HE2  H  N N 297 
MET HE3  H  N N 298 
MET HXT  H  N N 299 
PRO N    N  N N 300 
PRO CA   C  N S 301 
PRO C    C  N N 302 
PRO O    O  N N 303 
PRO CB   C  N N 304 
PRO CG   C  N N 305 
PRO CD   C  N N 306 
PRO OXT  O  N N 307 
PRO H    H  N N 308 
PRO HA   H  N N 309 
PRO HB2  H  N N 310 
PRO HB3  H  N N 311 
PRO HG2  H  N N 312 
PRO HG3  H  N N 313 
PRO HD2  H  N N 314 
PRO HD3  H  N N 315 
PRO HXT  H  N N 316 
SER N    N  N N 317 
SER CA   C  N S 318 
SER C    C  N N 319 
SER O    O  N N 320 
SER CB   C  N N 321 
SER OG   O  N N 322 
SER OXT  O  N N 323 
SER H    H  N N 324 
SER H2   H  N N 325 
SER HA   H  N N 326 
SER HB2  H  N N 327 
SER HB3  H  N N 328 
SER HG   H  N N 329 
SER HXT  H  N N 330 
THR N    N  N N 331 
THR CA   C  N S 332 
THR C    C  N N 333 
THR O    O  N N 334 
THR CB   C  N R 335 
THR OG1  O  N N 336 
THR CG2  C  N N 337 
THR OXT  O  N N 338 
THR H    H  N N 339 
THR H2   H  N N 340 
THR HA   H  N N 341 
THR HB   H  N N 342 
THR HG1  H  N N 343 
THR HG21 H  N N 344 
THR HG22 H  N N 345 
THR HG23 H  N N 346 
THR HXT  H  N N 347 
TRP N    N  N N 348 
TRP CA   C  N S 349 
TRP C    C  N N 350 
TRP O    O  N N 351 
TRP CB   C  N N 352 
TRP CG   C  Y N 353 
TRP CD1  C  Y N 354 
TRP CD2  C  Y N 355 
TRP NE1  N  Y N 356 
TRP CE2  C  Y N 357 
TRP CE3  C  Y N 358 
TRP CZ2  C  Y N 359 
TRP CZ3  C  Y N 360 
TRP CH2  C  Y N 361 
TRP OXT  O  N N 362 
TRP H    H  N N 363 
TRP H2   H  N N 364 
TRP HA   H  N N 365 
TRP HB2  H  N N 366 
TRP HB3  H  N N 367 
TRP HD1  H  N N 368 
TRP HE1  H  N N 369 
TRP HE3  H  N N 370 
TRP HZ2  H  N N 371 
TRP HZ3  H  N N 372 
TRP HH2  H  N N 373 
TRP HXT  H  N N 374 
TYR N    N  N N 375 
TYR CA   C  N S 376 
TYR C    C  N N 377 
TYR O    O  N N 378 
TYR CB   C  N N 379 
TYR CG   C  Y N 380 
TYR CD1  C  Y N 381 
TYR CD2  C  Y N 382 
TYR CE1  C  Y N 383 
TYR CE2  C  Y N 384 
TYR CZ   C  Y N 385 
TYR OH   O  N N 386 
TYR OXT  O  N N 387 
TYR H    H  N N 388 
TYR H2   H  N N 389 
TYR HA   H  N N 390 
TYR HB2  H  N N 391 
TYR HB3  H  N N 392 
TYR HD1  H  N N 393 
TYR HD2  H  N N 394 
TYR HE1  H  N N 395 
TYR HE2  H  N N 396 
TYR HH   H  N N 397 
TYR HXT  H  N N 398 
VAL N    N  N N 399 
VAL CA   C  N S 400 
VAL C    C  N N 401 
VAL O    O  N N 402 
VAL CB   C  N N 403 
VAL CG1  C  N N 404 
VAL CG2  C  N N 405 
VAL OXT  O  N N 406 
VAL H    H  N N 407 
VAL H2   H  N N 408 
VAL HA   H  N N 409 
VAL HB   H  N N 410 
VAL HG11 H  N N 411 
VAL HG12 H  N N 412 
VAL HG13 H  N N 413 
VAL HG21 H  N N 414 
VAL HG22 H  N N 415 
VAL HG23 H  N N 416 
VAL HXT  H  N N 417 
# 
loop_
_chem_comp_bond.comp_id 
_chem_comp_bond.atom_id_1 
_chem_comp_bond.atom_id_2 
_chem_comp_bond.value_order 
_chem_comp_bond.pdbx_aromatic_flag 
_chem_comp_bond.pdbx_stereo_config 
_chem_comp_bond.pdbx_ordinal 
ALA N   CA   sing N N 1   
ALA N   H    sing N N 2   
ALA N   H2   sing N N 3   
ALA CA  C    sing N N 4   
ALA CA  CB   sing N N 5   
ALA CA  HA   sing N N 6   
ALA C   O    doub N N 7   
ALA C   OXT  sing N N 8   
ALA CB  HB1  sing N N 9   
ALA CB  HB2  sing N N 10  
ALA CB  HB3  sing N N 11  
ALA OXT HXT  sing N N 12  
ASN N   CA   sing N N 13  
ASN N   H    sing N N 14  
ASN N   H2   sing N N 15  
ASN CA  C    sing N N 16  
ASN CA  CB   sing N N 17  
ASN CA  HA   sing N N 18  
ASN C   O    doub N N 19  
ASN C   OXT  sing N N 20  
ASN CB  CG   sing N N 21  
ASN CB  HB2  sing N N 22  
ASN CB  HB3  sing N N 23  
ASN CG  OD1  doub N N 24  
ASN CG  ND2  sing N N 25  
ASN ND2 HD21 sing N N 26  
ASN ND2 HD22 sing N N 27  
ASN OXT HXT  sing N N 28  
ASP N   CA   sing N N 29  
ASP N   H    sing N N 30  
ASP N   H2   sing N N 31  
ASP CA  C    sing N N 32  
ASP CA  CB   sing N N 33  
ASP CA  HA   sing N N 34  
ASP C   O    doub N N 35  
ASP C   OXT  sing N N 36  
ASP CB  CG   sing N N 37  
ASP CB  HB2  sing N N 38  
ASP CB  HB3  sing N N 39  
ASP CG  OD1  doub N N 40  
ASP CG  OD2  sing N N 41  
ASP OD2 HD2  sing N N 42  
ASP OXT HXT  sing N N 43  
CYS N   CA   sing N N 44  
CYS N   H    sing N N 45  
CYS N   H2   sing N N 46  
CYS CA  C    sing N N 47  
CYS CA  CB   sing N N 48  
CYS CA  HA   sing N N 49  
CYS C   O    doub N N 50  
CYS C   OXT  sing N N 51  
CYS CB  SG   sing N N 52  
CYS CB  HB2  sing N N 53  
CYS CB  HB3  sing N N 54  
CYS SG  HG   sing N N 55  
CYS OXT HXT  sing N N 56  
GLN N   CA   sing N N 57  
GLN N   H    sing N N 58  
GLN N   H2   sing N N 59  
GLN CA  C    sing N N 60  
GLN CA  CB   sing N N 61  
GLN CA  HA   sing N N 62  
GLN C   O    doub N N 63  
GLN C   OXT  sing N N 64  
GLN CB  CG   sing N N 65  
GLN CB  HB2  sing N N 66  
GLN CB  HB3  sing N N 67  
GLN CG  CD   sing N N 68  
GLN CG  HG2  sing N N 69  
GLN CG  HG3  sing N N 70  
GLN CD  OE1  doub N N 71  
GLN CD  NE2  sing N N 72  
GLN NE2 HE21 sing N N 73  
GLN NE2 HE22 sing N N 74  
GLN OXT HXT  sing N N 75  
GLU N   CA   sing N N 76  
GLU N   H    sing N N 77  
GLU N   H2   sing N N 78  
GLU CA  C    sing N N 79  
GLU CA  CB   sing N N 80  
GLU CA  HA   sing N N 81  
GLU C   O    doub N N 82  
GLU C   OXT  sing N N 83  
GLU CB  CG   sing N N 84  
GLU CB  HB2  sing N N 85  
GLU CB  HB3  sing N N 86  
GLU CG  CD   sing N N 87  
GLU CG  HG2  sing N N 88  
GLU CG  HG3  sing N N 89  
GLU CD  OE1  doub N N 90  
GLU CD  OE2  sing N N 91  
GLU OE2 HE2  sing N N 92  
GLU OXT HXT  sing N N 93  
GLY N   CA   sing N N 94  
GLY N   H    sing N N 95  
GLY N   H2   sing N N 96  
GLY CA  C    sing N N 97  
GLY CA  HA2  sing N N 98  
GLY CA  HA3  sing N N 99  
GLY C   O    doub N N 100 
GLY C   OXT  sing N N 101 
GLY OXT HXT  sing N N 102 
HEC FE  NA   sing N N 103 
HEC FE  NB   sing N N 104 
HEC FE  NC   sing N N 105 
HEC FE  ND   sing N N 106 
HEC CHA C1A  doub N N 107 
HEC CHA C4D  sing N N 108 
HEC CHA HHA  sing N N 109 
HEC CHB C4A  doub N N 110 
HEC CHB C1B  sing N N 111 
HEC CHB HHB  sing N N 112 
HEC CHC C4B  doub N N 113 
HEC CHC C1C  sing N N 114 
HEC CHC HHC  sing N N 115 
HEC CHD C4C  doub N N 116 
HEC CHD C1D  sing N N 117 
HEC CHD HHD  sing N N 118 
HEC NA  C1A  sing Y N 119 
HEC NA  C4A  sing Y N 120 
HEC C1A C2A  sing Y N 121 
HEC C2A C3A  doub Y N 122 
HEC C2A CAA  sing N N 123 
HEC C3A C4A  sing Y N 124 
HEC C3A CMA  sing N N 125 
HEC CMA HMA1 sing N N 126 
HEC CMA HMA2 sing N N 127 
HEC CMA HMA3 sing N N 128 
HEC CAA CBA  sing N N 129 
HEC CAA HAA1 sing N N 130 
HEC CAA HAA2 sing N N 131 
HEC CBA CGA  sing N N 132 
HEC CBA HBA1 sing N N 133 
HEC CBA HBA2 sing N N 134 
HEC CGA O1A  doub N N 135 
HEC CGA O2A  sing N N 136 
HEC O2A H2A  sing N N 137 
HEC NB  C1B  sing Y N 138 
HEC NB  C4B  sing Y N 139 
HEC C1B C2B  doub Y N 140 
HEC C2B C3B  sing Y N 141 
HEC C2B CMB  sing N N 142 
HEC C3B C4B  sing Y N 143 
HEC C3B CAB  doub N E 144 
HEC CMB HMB1 sing N N 145 
HEC CMB HMB2 sing N N 146 
HEC CMB HMB3 sing N N 147 
HEC CAB CBB  sing N N 148 
HEC CAB HAB  sing N N 149 
HEC CBB HBB1 sing N N 150 
HEC CBB HBB2 sing N N 151 
HEC CBB HBB3 sing N N 152 
HEC NC  C1C  sing Y N 153 
HEC NC  C4C  sing Y N 154 
HEC C1C C2C  doub Y N 155 
HEC C2C C3C  sing Y N 156 
HEC C2C CMC  sing N N 157 
HEC C3C C4C  sing Y N 158 
HEC C3C CAC  doub N E 159 
HEC CMC HMC1 sing N N 160 
HEC CMC HMC2 sing N N 161 
HEC CMC HMC3 sing N N 162 
HEC CAC CBC  sing N N 163 
HEC CAC HAC  sing N N 164 
HEC CBC HBC1 sing N N 165 
HEC CBC HBC2 sing N N 166 
HEC CBC HBC3 sing N N 167 
HEC ND  C1D  sing Y N 168 
HEC ND  C4D  sing Y N 169 
HEC C1D C2D  doub Y N 170 
HEC C2D C3D  sing Y N 171 
HEC C2D CMD  sing N N 172 
HEC C3D C4D  doub Y N 173 
HEC C3D CAD  sing N N 174 
HEC CMD HMD1 sing N N 175 
HEC CMD HMD2 sing N N 176 
HEC CMD HMD3 sing N N 177 
HEC CAD CBD  sing N N 178 
HEC CAD HAD1 sing N N 179 
HEC CAD HAD2 sing N N 180 
HEC CBD CGD  sing N N 181 
HEC CBD HBD1 sing N N 182 
HEC CBD HBD2 sing N N 183 
HEC CGD O1D  doub N N 184 
HEC CGD O2D  sing N N 185 
HEC O2D H2D  sing N N 186 
HIS N   CA   sing N N 187 
HIS N   H    sing N N 188 
HIS N   H2   sing N N 189 
HIS CA  C    sing N N 190 
HIS CA  CB   sing N N 191 
HIS CA  HA   sing N N 192 
HIS C   O    doub N N 193 
HIS C   OXT  sing N N 194 
HIS CB  CG   sing N N 195 
HIS CB  HB2  sing N N 196 
HIS CB  HB3  sing N N 197 
HIS CG  ND1  sing Y N 198 
HIS CG  CD2  doub Y N 199 
HIS ND1 CE1  doub Y N 200 
HIS ND1 HD1  sing N N 201 
HIS CD2 NE2  sing Y N 202 
HIS CD2 HD2  sing N N 203 
HIS CE1 NE2  sing Y N 204 
HIS CE1 HE1  sing N N 205 
HIS NE2 HE2  sing N N 206 
HIS OXT HXT  sing N N 207 
HOH O   H1   sing N N 208 
HOH O   H2   sing N N 209 
ILE N   CA   sing N N 210 
ILE N   H    sing N N 211 
ILE N   H2   sing N N 212 
ILE CA  C    sing N N 213 
ILE CA  CB   sing N N 214 
ILE CA  HA   sing N N 215 
ILE C   O    doub N N 216 
ILE C   OXT  sing N N 217 
ILE CB  CG1  sing N N 218 
ILE CB  CG2  sing N N 219 
ILE CB  HB   sing N N 220 
ILE CG1 CD1  sing N N 221 
ILE CG1 HG12 sing N N 222 
ILE CG1 HG13 sing N N 223 
ILE CG2 HG21 sing N N 224 
ILE CG2 HG22 sing N N 225 
ILE CG2 HG23 sing N N 226 
ILE CD1 HD11 sing N N 227 
ILE CD1 HD12 sing N N 228 
ILE CD1 HD13 sing N N 229 
ILE OXT HXT  sing N N 230 
LEU N   CA   sing N N 231 
LEU N   H    sing N N 232 
LEU N   H2   sing N N 233 
LEU CA  C    sing N N 234 
LEU CA  CB   sing N N 235 
LEU CA  HA   sing N N 236 
LEU C   O    doub N N 237 
LEU C   OXT  sing N N 238 
LEU CB  CG   sing N N 239 
LEU CB  HB2  sing N N 240 
LEU CB  HB3  sing N N 241 
LEU CG  CD1  sing N N 242 
LEU CG  CD2  sing N N 243 
LEU CG  HG   sing N N 244 
LEU CD1 HD11 sing N N 245 
LEU CD1 HD12 sing N N 246 
LEU CD1 HD13 sing N N 247 
LEU CD2 HD21 sing N N 248 
LEU CD2 HD22 sing N N 249 
LEU CD2 HD23 sing N N 250 
LEU OXT HXT  sing N N 251 
LYS N   CA   sing N N 252 
LYS N   H    sing N N 253 
LYS N   H2   sing N N 254 
LYS CA  C    sing N N 255 
LYS CA  CB   sing N N 256 
LYS CA  HA   sing N N 257 
LYS C   O    doub N N 258 
LYS C   OXT  sing N N 259 
LYS CB  CG   sing N N 260 
LYS CB  HB2  sing N N 261 
LYS CB  HB3  sing N N 262 
LYS CG  CD   sing N N 263 
LYS CG  HG2  sing N N 264 
LYS CG  HG3  sing N N 265 
LYS CD  CE   sing N N 266 
LYS CD  HD2  sing N N 267 
LYS CD  HD3  sing N N 268 
LYS CE  NZ   sing N N 269 
LYS CE  HE2  sing N N 270 
LYS CE  HE3  sing N N 271 
LYS NZ  HZ1  sing N N 272 
LYS NZ  HZ2  sing N N 273 
LYS NZ  HZ3  sing N N 274 
LYS OXT HXT  sing N N 275 
MET N   CA   sing N N 276 
MET N   H    sing N N 277 
MET N   H2   sing N N 278 
MET CA  C    sing N N 279 
MET CA  CB   sing N N 280 
MET CA  HA   sing N N 281 
MET C   O    doub N N 282 
MET C   OXT  sing N N 283 
MET CB  CG   sing N N 284 
MET CB  HB2  sing N N 285 
MET CB  HB3  sing N N 286 
MET CG  SD   sing N N 287 
MET CG  HG2  sing N N 288 
MET CG  HG3  sing N N 289 
MET SD  CE   sing N N 290 
MET CE  HE1  sing N N 291 
MET CE  HE2  sing N N 292 
MET CE  HE3  sing N N 293 
MET OXT HXT  sing N N 294 
PRO N   CA   sing N N 295 
PRO N   CD   sing N N 296 
PRO N   H    sing N N 297 
PRO CA  C    sing N N 298 
PRO CA  CB   sing N N 299 
PRO CA  HA   sing N N 300 
PRO C   O    doub N N 301 
PRO C   OXT  sing N N 302 
PRO CB  CG   sing N N 303 
PRO CB  HB2  sing N N 304 
PRO CB  HB3  sing N N 305 
PRO CG  CD   sing N N 306 
PRO CG  HG2  sing N N 307 
PRO CG  HG3  sing N N 308 
PRO CD  HD2  sing N N 309 
PRO CD  HD3  sing N N 310 
PRO OXT HXT  sing N N 311 
SER N   CA   sing N N 312 
SER N   H    sing N N 313 
SER N   H2   sing N N 314 
SER CA  C    sing N N 315 
SER CA  CB   sing N N 316 
SER CA  HA   sing N N 317 
SER C   O    doub N N 318 
SER C   OXT  sing N N 319 
SER CB  OG   sing N N 320 
SER CB  HB2  sing N N 321 
SER CB  HB3  sing N N 322 
SER OG  HG   sing N N 323 
SER OXT HXT  sing N N 324 
THR N   CA   sing N N 325 
THR N   H    sing N N 326 
THR N   H2   sing N N 327 
THR CA  C    sing N N 328 
THR CA  CB   sing N N 329 
THR CA  HA   sing N N 330 
THR C   O    doub N N 331 
THR C   OXT  sing N N 332 
THR CB  OG1  sing N N 333 
THR CB  CG2  sing N N 334 
THR CB  HB   sing N N 335 
THR OG1 HG1  sing N N 336 
THR CG2 HG21 sing N N 337 
THR CG2 HG22 sing N N 338 
THR CG2 HG23 sing N N 339 
THR OXT HXT  sing N N 340 
TRP N   CA   sing N N 341 
TRP N   H    sing N N 342 
TRP N   H2   sing N N 343 
TRP CA  C    sing N N 344 
TRP CA  CB   sing N N 345 
TRP CA  HA   sing N N 346 
TRP C   O    doub N N 347 
TRP C   OXT  sing N N 348 
TRP CB  CG   sing N N 349 
TRP CB  HB2  sing N N 350 
TRP CB  HB3  sing N N 351 
TRP CG  CD1  doub Y N 352 
TRP CG  CD2  sing Y N 353 
TRP CD1 NE1  sing Y N 354 
TRP CD1 HD1  sing N N 355 
TRP CD2 CE2  doub Y N 356 
TRP CD2 CE3  sing Y N 357 
TRP NE1 CE2  sing Y N 358 
TRP NE1 HE1  sing N N 359 
TRP CE2 CZ2  sing Y N 360 
TRP CE3 CZ3  doub Y N 361 
TRP CE3 HE3  sing N N 362 
TRP CZ2 CH2  doub Y N 363 
TRP CZ2 HZ2  sing N N 364 
TRP CZ3 CH2  sing Y N 365 
TRP CZ3 HZ3  sing N N 366 
TRP CH2 HH2  sing N N 367 
TRP OXT HXT  sing N N 368 
TYR N   CA   sing N N 369 
TYR N   H    sing N N 370 
TYR N   H2   sing N N 371 
TYR CA  C    sing N N 372 
TYR CA  CB   sing N N 373 
TYR CA  HA   sing N N 374 
TYR C   O    doub N N 375 
TYR C   OXT  sing N N 376 
TYR CB  CG   sing N N 377 
TYR CB  HB2  sing N N 378 
TYR CB  HB3  sing N N 379 
TYR CG  CD1  doub Y N 380 
TYR CG  CD2  sing Y N 381 
TYR CD1 CE1  sing Y N 382 
TYR CD1 HD1  sing N N 383 
TYR CD2 CE2  doub Y N 384 
TYR CD2 HD2  sing N N 385 
TYR CE1 CZ   doub Y N 386 
TYR CE1 HE1  sing N N 387 
TYR CE2 CZ   sing Y N 388 
TYR CE2 HE2  sing N N 389 
TYR CZ  OH   sing N N 390 
TYR OH  HH   sing N N 391 
TYR OXT HXT  sing N N 392 
VAL N   CA   sing N N 393 
VAL N   H    sing N N 394 
VAL N   H2   sing N N 395 
VAL CA  C    sing N N 396 
VAL CA  CB   sing N N 397 
VAL CA  HA   sing N N 398 
VAL C   O    doub N N 399 
VAL C   OXT  sing N N 400 
VAL CB  CG1  sing N N 401 
VAL CB  CG2  sing N N 402 
VAL CB  HB   sing N N 403 
VAL CG1 HG11 sing N N 404 
VAL CG1 HG12 sing N N 405 
VAL CG1 HG13 sing N N 406 
VAL CG2 HG21 sing N N 407 
VAL CG2 HG22 sing N N 408 
VAL CG2 HG23 sing N N 409 
VAL OXT HXT  sing N N 410 
# 
_atom_sites.entry_id                    1B7V 
_atom_sites.fract_transf_matrix[1][1]   0.00639718 
_atom_sites.fract_transf_matrix[1][2]   -0.01542009 
_atom_sites.fract_transf_matrix[1][3]   -0.02117056 
_atom_sites.fract_transf_matrix[2][1]   -0.02223388 
_atom_sites.fract_transf_matrix[2][2]   0.00595663 
_atom_sites.fract_transf_matrix[2][3]   -0.01105714 
_atom_sites.fract_transf_matrix[3][1]   0.00979333 
_atom_sites.fract_transf_matrix[3][2]   0.01787713 
_atom_sites.fract_transf_matrix[3][3]   -0.01006195 
_atom_sites.fract_transf_vector[1]      0.240614 
_atom_sites.fract_transf_vector[2]      0.678107 
_atom_sites.fract_transf_vector[3]      0.146785 
# 
loop_
_atom_type.symbol 
C  
FE 
N  
O  
S  
# 
loop_
_atom_site.group_PDB 
_atom_site.id 
_atom_site.type_symbol 
_atom_site.label_atom_id 
_atom_site.label_alt_id 
_atom_site.label_comp_id 
_atom_site.label_asym_id 
_atom_site.label_entity_id 
_atom_site.label_seq_id 
_atom_site.pdbx_PDB_ins_code 
_atom_site.Cartn_x 
_atom_site.Cartn_y 
_atom_site.Cartn_z 
_atom_site.occupancy 
_atom_site.B_iso_or_equiv 
_atom_site.pdbx_formal_charge 
_atom_site.auth_seq_id 
_atom_site.auth_comp_id 
_atom_site.auth_asym_id 
_atom_site.auth_atom_id 
_atom_site.pdbx_PDB_model_num 
ATOM   1   N  N   . VAL A 1 1  ? 1.271   14.679  4.283   1.00 20.76 ? 22  VAL A N   1 
ATOM   2   C  CA  . VAL A 1 1  ? 2.038   13.433  4.304   1.00 19.02 ? 22  VAL A CA  1 
ATOM   3   C  C   . VAL A 1 1  ? 2.735   13.193  2.967   1.00 18.66 ? 22  VAL A C   1 
ATOM   4   O  O   . VAL A 1 1  ? 2.188   13.444  1.898   1.00 19.36 ? 22  VAL A O   1 
ATOM   5   C  CB  . VAL A 1 1  ? 1.131   12.231  4.619   1.00 16.44 ? 22  VAL A CB  1 
ATOM   6   C  CG1 . VAL A 1 1  ? 1.853   10.914  4.394   1.00 15.75 ? 22  VAL A CG1 1 
ATOM   7   C  CG2 . VAL A 1 1  ? 0.655   12.308  6.069   1.00 19.20 ? 22  VAL A CG2 1 
ATOM   8   N  N   . ASP A 1 2  ? 3.948   12.659  3.030   1.00 16.96 ? 23  ASP A N   1 
ATOM   9   C  CA  . ASP A 1 2  ? 4.705   12.313  1.819   1.00 15.29 ? 23  ASP A CA  1 
ATOM   10  C  C   . ASP A 1 2  ? 4.472   10.836  1.484   1.00 12.70 ? 23  ASP A C   1 
ATOM   11  O  O   . ASP A 1 2  ? 5.165   10.001  2.076   1.00 13.78 ? 23  ASP A O   1 
ATOM   12  C  CB  . ASP A 1 2  ? 6.163   12.556  2.189   1.00 20.72 ? 23  ASP A CB  1 
ATOM   13  C  CG  . ASP A 1 2  ? 7.130   12.276  1.061   1.00 22.34 ? 23  ASP A CG  1 
ATOM   14  O  OD1 . ASP A 1 2  ? 6.668   11.866  -0.018  1.00 19.26 ? 23  ASP A OD1 1 
ATOM   15  O  OD2 . ASP A 1 2  ? 8.336   12.492  1.312   1.00 20.50 ? 23  ASP A OD2 1 
ATOM   16  N  N   . ALA A 1 3  ? 3.470   10.497  0.675   1.00 11.54 ? 24  ALA A N   1 
ATOM   17  C  CA  . ALA A 1 3  ? 3.055   9.114   0.501   1.00 8.18  ? 24  ALA A CA  1 
ATOM   18  C  C   . ALA A 1 3  ? 4.121   8.212   -0.093  1.00 9.85  ? 24  ALA A C   1 
ATOM   19  O  O   . ALA A 1 3  ? 4.231   7.060   0.324   1.00 10.36 ? 24  ALA A O   1 
ATOM   20  C  CB  . ALA A 1 3  ? 1.786   8.974   -0.344  1.00 7.92  ? 24  ALA A CB  1 
ATOM   21  N  N   . GLU A 1 4  ? 4.848   8.710   -1.075  1.00 10.53 ? 25  GLU A N   1 
ATOM   22  C  CA  . GLU A 1 4  ? 5.902   7.886   -1.683  1.00 12.61 ? 25  GLU A CA  1 
ATOM   23  C  C   . GLU A 1 4  ? 6.948   7.504   -0.666  1.00 10.62 ? 25  GLU A C   1 
ATOM   24  O  O   . GLU A 1 4  ? 7.419   6.352   -0.644  1.00 10.01 ? 25  GLU A O   1 
ATOM   25  C  CB  . GLU A 1 4  ? 6.505   8.643   -2.878  1.00 13.20 ? 25  GLU A CB  1 
ATOM   26  C  CG  . GLU A 1 4  ? 7.526   7.771   -3.597  1.00 18.02 ? 25  GLU A CG  1 
ATOM   27  C  CD  . GLU A 1 4  ? 7.922   8.309   -4.958  1.00 22.67 ? 25  GLU A CD  1 
ATOM   28  O  OE1 . GLU A 1 4  ? 7.705   9.503   -5.254  1.00 16.88 ? 25  GLU A OE1 1 
ATOM   29  O  OE2 . GLU A 1 4  ? 8.468   7.495   -5.726  1.00 20.16 ? 25  GLU A OE2 1 
ATOM   30  N  N   . ALA A 1 5  ? 7.358   8.420   0.207   1.00 10.66 ? 26  ALA A N   1 
ATOM   31  C  CA  . ALA A 1 5  ? 8.335   8.130   1.241   1.00 9.25  ? 26  ALA A CA  1 
ATOM   32  C  C   . ALA A 1 5  ? 7.794   7.146   2.277   1.00 6.90  ? 26  ALA A C   1 
ATOM   33  O  O   . ALA A 1 5  ? 8.506   6.257   2.718   1.00 6.50  ? 26  ALA A O   1 
ATOM   34  C  CB  . ALA A 1 5  ? 8.813   9.384   1.952   1.00 8.68  ? 26  ALA A CB  1 
ATOM   35  N  N   . VAL A 1 6  ? 6.532   7.245   2.650   1.00 7.61  ? 27  VAL A N   1 
ATOM   36  C  CA  . VAL A 1 6  ? 5.943   6.300   3.588   1.00 5.54  ? 27  VAL A CA  1 
ATOM   37  C  C   . VAL A 1 6  ? 5.974   4.895   2.974   1.00 4.30  ? 27  VAL A C   1 
ATOM   38  O  O   . VAL A 1 6  ? 6.351   3.925   3.631   1.00 5.61  ? 27  VAL A O   1 
ATOM   39  C  CB  . VAL A 1 6  ? 4.506   6.733   3.953   1.00 7.05  ? 27  VAL A CB  1 
ATOM   40  C  CG1 . VAL A 1 6  ? 3.826   5.637   4.753   1.00 6.40  ? 27  VAL A CG1 1 
ATOM   41  C  CG2 . VAL A 1 6  ? 4.525   8.017   4.778   1.00 8.52  ? 27  VAL A CG2 1 
ATOM   42  N  N   . VAL A 1 7  ? 5.701   4.823   1.681   1.00 4.75  ? 28  VAL A N   1 
ATOM   43  C  CA  . VAL A 1 7  ? 5.701   3.536   0.969   1.00 6.12  ? 28  VAL A CA  1 
ATOM   44  C  C   . VAL A 1 7  ? 7.093   2.941   0.937   1.00 4.74  ? 28  VAL A C   1 
ATOM   45  O  O   . VAL A 1 7  ? 7.312   1.758   1.201   1.00 4.21  ? 28  VAL A O   1 
ATOM   46  C  CB  . VAL A 1 7  ? 5.094   3.685   -0.430  1.00 6.56  ? 28  VAL A CB  1 
ATOM   47  C  CG1 . VAL A 1 7  ? 5.311   2.440   -1.267  1.00 10.49 ? 28  VAL A CG1 1 
ATOM   48  C  CG2 . VAL A 1 7  ? 3.598   3.966   -0.259  1.00 9.30  ? 28  VAL A CG2 1 
ATOM   49  N  N   . GLN A 1 8  ? 8.086   3.814   0.668   1.00 6.33  ? 29  GLN A N   1 
ATOM   50  C  CA  . GLN A 1 8  ? 9.469   3.329   0.652   1.00 5.89  ? 29  GLN A CA  1 
ATOM   51  C  C   . GLN A 1 8  ? 9.902   2.877   2.033   1.00 6.19  ? 29  GLN A C   1 
ATOM   52  O  O   . GLN A 1 8  ? 10.729  1.973   2.160   1.00 7.24  ? 29  GLN A O   1 
ATOM   53  C  CB  . GLN A 1 8  ? 10.451  4.369   0.081   1.00 2.72  ? 29  GLN A CB  1 
ATOM   54  C  CG  . GLN A 1 8  ? 10.260  4.607   -1.408  1.00 6.10  ? 29  GLN A CG  1 
ATOM   55  C  CD  . GLN A 1 8  ? 10.598  3.371   -2.236  1.00 6.82  ? 29  GLN A CD  1 
ATOM   56  O  OE1 . GLN A 1 8  ? 9.847   2.939   -3.114  1.00 9.91  ? 29  GLN A OE1 1 
ATOM   57  N  NE2 . GLN A 1 8  ? 11.741  2.784   -1.962  1.00 4.10  ? 29  GLN A NE2 1 
ATOM   58  N  N   . GLN A 1 9  ? 9.451   3.524   3.114   1.00 4.21  ? 30  GLN A N   1 
ATOM   59  C  CA  . GLN A 1 9  ? 9.818   3.154   4.452   1.00 7.62  ? 30  GLN A CA  1 
ATOM   60  C  C   . GLN A 1 9  ? 9.136   1.871   4.930   1.00 8.95  ? 30  GLN A C   1 
ATOM   61  O  O   . GLN A 1 9  ? 9.779   1.062   5.595   1.00 8.49  ? 30  GLN A O   1 
ATOM   62  C  CB  . GLN A 1 9  ? 9.405   4.194   5.533   1.00 7.40  ? 30  GLN A CB  1 
ATOM   63  C  CG  . GLN A 1 9  ? 10.113  5.518   5.404   1.00 15.18 ? 30  GLN A CG  1 
ATOM   64  C  CD  . GLN A 1 9  ? 10.057  6.401   6.633   1.00 19.32 ? 30  GLN A CD  1 
ATOM   65  O  OE1 . GLN A 1 9  ? 10.384  7.592   6.531   1.00 21.98 ? 30  GLN A OE1 1 
ATOM   66  N  NE2 . GLN A 1 9  ? 9.672   5.856   7.780   1.00 20.74 ? 30  GLN A NE2 1 
ATOM   67  N  N   . LYS A 1 10 ? 7.860   1.696   4.584   1.00 5.43  ? 31  LYS A N   1 
ATOM   68  C  CA  . LYS A 1 10 ? 7.081   0.646   5.211   1.00 7.73  ? 31  LYS A CA  1 
ATOM   69  C  C   . LYS A 1 10 ? 6.523   -0.453  4.336   1.00 6.53  ? 31  LYS A C   1 
ATOM   70  O  O   . LYS A 1 10 ? 5.922   -1.350  4.922   1.00 7.71  ? 31  LYS A O   1 
ATOM   71  C  CB  . LYS A 1 10 ? 5.862   1.378   5.847   1.00 7.63  ? 31  LYS A CB  1 
ATOM   72  C  CG  . LYS A 1 10 ? 6.300   2.377   6.899   1.00 9.92  ? 31  LYS A CG  1 
ATOM   73  C  CD  . LYS A 1 10 ? 5.151   2.956   7.707   1.00 14.05 ? 31  LYS A CD  1 
ATOM   74  C  CE  . LYS A 1 10 ? 5.626   4.287   8.304   1.00 21.16 ? 31  LYS A CE  1 
ATOM   75  N  NZ  . LYS A 1 10 ? 4.781   4.716   9.444   1.00 23.00 ? 31  LYS A NZ  1 
ATOM   76  N  N   . CYS A 1 11 ? 6.630   -0.376  3.006   1.00 4.89  ? 32  CYS A N   1 
ATOM   77  C  CA  . CYS A 1 11 ? 5.949   -1.357  2.177   1.00 3.33  ? 32  CYS A CA  1 
ATOM   78  C  C   . CYS A 1 11 ? 6.866   -2.156  1.251   1.00 4.70  ? 32  CYS A C   1 
ATOM   79  O  O   . CYS A 1 11 ? 6.459   -3.251  0.843   1.00 5.03  ? 32  CYS A O   1 
ATOM   80  C  CB  . CYS A 1 11 ? 4.854   -0.710  1.322   1.00 2.97  ? 32  CYS A CB  1 
ATOM   81  S  SG  . CYS A 1 11 ? 3.841   0.541   2.166   1.00 3.98  ? 32  CYS A SG  1 
ATOM   82  N  N   . ILE A 1 12 ? 8.060   -1.631  1.014   1.00 4.45  ? 33  ILE A N   1 
ATOM   83  C  CA  . ILE A 1 12 ? 8.916   -2.289  0.008   1.00 4.10  ? 33  ILE A CA  1 
ATOM   84  C  C   . ILE A 1 12 ? 9.580   -3.554  0.520   1.00 5.33  ? 33  ILE A C   1 
ATOM   85  O  O   . ILE A 1 12 ? 10.023  -4.375  -0.303  1.00 5.05  ? 33  ILE A O   1 
ATOM   86  C  CB  . ILE A 1 12 ? 9.958   -1.291  -0.525  1.00 2.53  ? 33  ILE A CB  1 
ATOM   87  C  CG1 . ILE A 1 12 ? 10.947  -0.855  0.556   1.00 6.47  ? 33  ILE A CG1 1 
ATOM   88  C  CG2 . ILE A 1 12 ? 9.291   -0.087  -1.168  1.00 5.20  ? 33  ILE A CG2 1 
ATOM   89  C  CD1 . ILE A 1 12 ? 12.159  -0.180  -0.105  1.00 8.08  ? 33  ILE A CD1 1 
ATOM   90  N  N   . SER A 1 13 ? 9.650   -3.756  1.832   1.00 5.31  ? 34  SER A N   1 
ATOM   91  C  CA  . SER A 1 13 ? 10.269  -4.940  2.398   1.00 5.29  ? 34  SER A CA  1 
ATOM   92  C  C   . SER A 1 13 ? 9.593   -6.200  1.855   1.00 7.81  ? 34  SER A C   1 
ATOM   93  O  O   . SER A 1 13 ? 10.232  -7.227  1.639   1.00 11.01 ? 34  SER A O   1 
ATOM   94  C  CB  . SER A 1 13 ? 10.255  -4.957  3.924   1.00 10.60 ? 34  SER A CB  1 
ATOM   95  O  OG  . SER A 1 13 ? 8.928   -4.972  4.430   1.00 10.64 ? 34  SER A OG  1 
ATOM   96  N  N   . CYS A 1 14 ? 8.278   -6.121  1.642   1.00 6.20  ? 35  CYS A N   1 
ATOM   97  C  CA  . CYS A 1 14 ? 7.535   -7.232  1.071   1.00 4.53  ? 35  CYS A CA  1 
ATOM   98  C  C   . CYS A 1 14 ? 7.122   -6.995  -0.376  1.00 4.90  ? 35  CYS A C   1 
ATOM   99  O  O   . CYS A 1 14 ? 7.083   -7.936  -1.162  1.00 4.13  ? 35  CYS A O   1 
ATOM   100 C  CB  . CYS A 1 14 ? 6.247   -7.464  1.891   1.00 2.77  ? 35  CYS A CB  1 
ATOM   101 S  SG  . CYS A 1 14 ? 6.631   -7.781  3.626   1.00 4.60  ? 35  CYS A SG  1 
ATOM   102 N  N   . HIS A 1 15 ? 6.872   -5.741  -0.750  1.00 3.06  ? 36  HIS A N   1 
ATOM   103 C  CA  . HIS A 1 15 ? 6.345   -5.472  -2.081  1.00 3.81  ? 36  HIS A CA  1 
ATOM   104 C  C   . HIS A 1 15 ? 7.390   -5.094  -3.105  1.00 2.81  ? 36  HIS A C   1 
ATOM   105 O  O   . HIS A 1 15 ? 7.018   -4.964  -4.282  1.00 2.07  ? 36  HIS A O   1 
ATOM   106 C  CB  . HIS A 1 15 ? 5.215   -4.432  -2.023  1.00 2.26  ? 36  HIS A CB  1 
ATOM   107 C  CG  . HIS A 1 15 ? 3.974   -4.997  -1.350  1.00 2.82  ? 36  HIS A CG  1 
ATOM   108 N  ND1 . HIS A 1 15 ? 3.279   -6.012  -1.959  1.00 2.18  ? 36  HIS A ND1 1 
ATOM   109 C  CD2 . HIS A 1 15 ? 3.331   -4.720  -0.184  1.00 5.01  ? 36  HIS A CD2 1 
ATOM   110 C  CE1 . HIS A 1 15 ? 2.237   -6.382  -1.240  1.00 8.05  ? 36  HIS A CE1 1 
ATOM   111 N  NE2 . HIS A 1 15 ? 2.279   -5.589  -0.206  1.00 2.00  ? 36  HIS A NE2 1 
ATOM   112 N  N   . GLY A 1 16 ? 8.650   -4.977  -2.751  1.00 4.75  ? 37  GLY A N   1 
ATOM   113 C  CA  . GLY A 1 16 ? 9.716   -4.687  -3.703  1.00 4.81  ? 37  GLY A CA  1 
ATOM   114 C  C   . GLY A 1 16 ? 9.957   -3.184  -3.795  1.00 3.22  ? 37  GLY A C   1 
ATOM   115 O  O   . GLY A 1 16 ? 9.047   -2.369  -3.640  1.00 3.84  ? 37  GLY A O   1 
ATOM   116 N  N   . GLY A 1 17 ? 11.212  -2.813  -4.073  1.00 4.25  ? 38  GLY A N   1 
ATOM   117 C  CA  . GLY A 1 17 ? 11.537  -1.385  -4.084  1.00 3.93  ? 38  GLY A CA  1 
ATOM   118 C  C   . GLY A 1 17 ? 10.800  -0.573  -5.114  1.00 4.06  ? 38  GLY A C   1 
ATOM   119 O  O   . GLY A 1 17 ? 10.627  0.656   -4.939  1.00 7.30  ? 38  GLY A O   1 
ATOM   120 N  N   . ASP A 1 18 ? 10.466  -1.161  -6.255  1.00 3.15  ? 39  ASP A N   1 
ATOM   121 C  CA  . ASP A 1 18 ? 9.730   -0.500  -7.316  1.00 4.94  ? 39  ASP A CA  1 
ATOM   122 C  C   . ASP A 1 18 ? 8.273   -0.960  -7.322  1.00 4.07  ? 39  ASP A C   1 
ATOM   123 O  O   . ASP A 1 18 ? 7.528   -0.710  -8.248  1.00 4.18  ? 39  ASP A O   1 
ATOM   124 C  CB  . ASP A 1 18 ? 10.367  -0.726  -8.678  1.00 7.75  ? 39  ASP A CB  1 
ATOM   125 C  CG  . ASP A 1 18 ? 10.336  -2.160  -9.149  1.00 9.49  ? 39  ASP A CG  1 
ATOM   126 O  OD1 . ASP A 1 18 ? 9.979   -3.021  -8.312  1.00 5.79  ? 39  ASP A OD1 1 
ATOM   127 O  OD2 . ASP A 1 18 ? 10.674  -2.418  -10.323 1.00 7.09  ? 39  ASP A OD2 1 
ATOM   128 N  N   . LEU A 1 19 ? 7.851   -1.591  -6.223  1.00 5.58  ? 40  LEU A N   1 
ATOM   129 C  CA  . LEU A 1 19 ? 6.504   -2.079  -6.005  1.00 5.04  ? 40  LEU A CA  1 
ATOM   130 C  C   . LEU A 1 19 ? 6.027   -3.170  -6.928  1.00 4.94  ? 40  LEU A C   1 
ATOM   131 O  O   . LEU A 1 19 ? 4.847   -3.518  -6.958  1.00 5.34  ? 40  LEU A O   1 
ATOM   132 C  CB  . LEU A 1 19 ? 5.478   -0.919  -6.027  1.00 6.25  ? 40  LEU A CB  1 
ATOM   133 C  CG  . LEU A 1 19 ? 5.784   0.207   -5.016  1.00 4.01  ? 40  LEU A CG  1 
ATOM   134 C  CD1 . LEU A 1 19 ? 4.667   1.232   -5.058  1.00 6.26  ? 40  LEU A CD1 1 
ATOM   135 C  CD2 . LEU A 1 19 ? 5.999   -0.385  -3.633  1.00 12.61 ? 40  LEU A CD2 1 
ATOM   136 N  N   . THR A 1 20 ? 6.931   -3.798  -7.679  1.00 3.15  ? 41  THR A N   1 
ATOM   137 C  CA  . THR A 1 20 ? 6.565   -4.810  -8.675  1.00 3.57  ? 41  THR A CA  1 
ATOM   138 C  C   . THR A 1 20 ? 6.584   -6.193  -8.085  1.00 4.43  ? 41  THR A C   1 
ATOM   139 O  O   . THR A 1 20 ? 6.447   -7.202  -8.782  1.00 7.39  ? 41  THR A O   1 
ATOM   140 C  CB  . THR A 1 20 ? 7.665   -4.402  -9.696  1.00 8.60  ? 41  THR A CB  1 
ATOM   141 O  OG1 . THR A 1 20 ? 7.145   -4.067  -10.962 1.00 22.55 ? 41  THR A OG1 1 
ATOM   142 C  CG2 . THR A 1 20 ? 8.893   -5.197  -9.567  1.00 2.38  ? 41  THR A CG2 1 
ATOM   143 N  N   . GLY A 1 21 ? 6.654   -6.274  -6.753  1.00 4.73  ? 42  GLY A N   1 
ATOM   144 C  CA  . GLY A 1 21 ? 6.591   -7.551  -6.056  1.00 3.91  ? 42  GLY A CA  1 
ATOM   145 C  C   . GLY A 1 21 ? 7.922   -8.033  -5.540  1.00 4.98  ? 42  GLY A C   1 
ATOM   146 O  O   . GLY A 1 21 ? 8.987   -7.819  -6.120  1.00 7.82  ? 42  GLY A O   1 
ATOM   147 N  N   . ALA A 1 22 ? 7.912   -8.702  -4.389  1.00 3.50  ? 43  ALA A N   1 
ATOM   148 C  CA  . ALA A 1 22 ? 9.124   -9.316  -3.832  1.00 4.70  ? 43  ALA A CA  1 
ATOM   149 C  C   . ALA A 1 22 ? 8.685   -10.621 -3.155  1.00 6.22  ? 43  ALA A C   1 
ATOM   150 O  O   . ALA A 1 22 ? 8.136   -11.468 -3.855  1.00 5.87  ? 43  ALA A O   1 
ATOM   151 C  CB  . ALA A 1 22 ? 9.905   -8.386  -2.947  1.00 6.20  ? 43  ALA A CB  1 
ATOM   152 N  N   . SER A 1 23 ? 8.643   -10.640 -1.820  1.00 6.18  ? 44  SER A N   1 
ATOM   153 C  CA  . SER A 1 23 ? 8.074   -11.821 -1.174  1.00 7.30  ? 44  SER A CA  1 
ATOM   154 C  C   . SER A 1 23 ? 6.566   -11.839 -1.361  1.00 5.76  ? 44  SER A C   1 
ATOM   155 O  O   . SER A 1 23 ? 5.910   -12.876 -1.434  1.00 6.03  ? 44  SER A O   1 
ATOM   156 C  CB  . SER A 1 23 ? 8.389   -11.860 0.314   1.00 9.39  ? 44  SER A CB  1 
ATOM   157 O  OG  . SER A 1 23 ? 8.179   -10.624 0.954   1.00 10.28 ? 44  SER A OG  1 
ATOM   158 N  N   . ALA A 1 24 ? 5.976   -10.642 -1.380  1.00 4.58  ? 45  ALA A N   1 
ATOM   159 C  CA  . ALA A 1 24 ? 4.551   -10.450 -1.593  1.00 4.72  ? 45  ALA A CA  1 
ATOM   160 C  C   . ALA A 1 24 ? 4.250   -9.957  -2.999  1.00 4.32  ? 45  ALA A C   1 
ATOM   161 O  O   . ALA A 1 24 ? 5.164   -9.510  -3.706  1.00 4.66  ? 45  ALA A O   1 
ATOM   162 C  CB  . ALA A 1 24 ? 4.079   -9.433  -0.565  1.00 2.91  ? 45  ALA A CB  1 
ATOM   163 N  N   . PRO A 1 25 ? 3.005   -9.903  -3.403  1.00 4.67  ? 46  PRO A N   1 
ATOM   164 C  CA  . PRO A 1 25 ? 2.625   -9.532  -4.743  1.00 2.84  ? 46  PRO A CA  1 
ATOM   165 C  C   . PRO A 1 25 ? 2.912   -8.079  -5.113  1.00 2.50  ? 46  PRO A C   1 
ATOM   166 O  O   . PRO A 1 25 ? 3.075   -7.207  -4.251  1.00 3.46  ? 46  PRO A O   1 
ATOM   167 C  CB  . PRO A 1 25 ? 1.134   -9.876  -4.904  1.00 3.78  ? 46  PRO A CB  1 
ATOM   168 C  CG  . PRO A 1 25 ? 0.931   -10.833 -3.754  1.00 6.09  ? 46  PRO A CG  1 
ATOM   169 C  CD  . PRO A 1 25 ? 1.845   -10.386 -2.619  1.00 3.97  ? 46  PRO A CD  1 
ATOM   170 N  N   . ALA A 1 26 ? 2.927   -7.807  -6.433  1.00 3.07  ? 47  ALA A N   1 
ATOM   171 C  CA  . ALA A 1 26 ? 3.102   -6.414  -6.858  1.00 2.00  ? 47  ALA A CA  1 
ATOM   172 C  C   . ALA A 1 26 ? 1.954   -5.545  -6.350  1.00 2.20  ? 47  ALA A C   1 
ATOM   173 O  O   . ALA A 1 26 ? 0.798   -5.989  -6.289  1.00 5.37  ? 47  ALA A O   1 
ATOM   174 C  CB  . ALA A 1 26 ? 3.149   -6.285  -8.373  1.00 7.09  ? 47  ALA A CB  1 
ATOM   175 N  N   . ILE A 1 27 ? 2.243   -4.257  -6.182  1.00 2.26  ? 48  ILE A N   1 
ATOM   176 C  CA  . ILE A 1 27 ? 1.268   -3.254  -5.833  1.00 2.00  ? 48  ILE A CA  1 
ATOM   177 C  C   . ILE A 1 27 ? 1.488   -1.985  -6.673  1.00 3.96  ? 48  ILE A C   1 
ATOM   178 O  O   . ILE A 1 27 ? 0.792   -0.990  -6.473  1.00 3.13  ? 48  ILE A O   1 
ATOM   179 C  CB  . ILE A 1 27 ? 1.253   -2.825  -4.351  1.00 3.93  ? 48  ILE A CB  1 
ATOM   180 C  CG1 . ILE A 1 27 ? 2.589   -2.200  -3.925  1.00 2.00  ? 48  ILE A CG1 1 
ATOM   181 C  CG2 . ILE A 1 27 ? 0.885   -4.012  -3.465  1.00 2.91  ? 48  ILE A CG2 1 
ATOM   182 C  CD1 . ILE A 1 27 ? 2.463   -1.511  -2.566  1.00 5.05  ? 48  ILE A CD1 1 
ATOM   183 N  N   . ASP A 1 28 ? 2.318   -2.041  -7.710  1.00 5.32  ? 49  ASP A N   1 
ATOM   184 C  CA  . ASP A 1 28 ? 2.635   -0.881  -8.527  1.00 5.25  ? 49  ASP A CA  1 
ATOM   185 C  C   . ASP A 1 28 ? 1.467   -0.403  -9.375  1.00 7.69  ? 49  ASP A C   1 
ATOM   186 O  O   . ASP A 1 28 ? 1.506   0.737   -9.833  1.00 6.68  ? 49  ASP A O   1 
ATOM   187 C  CB  . ASP A 1 28 ? 3.854   -1.099  -9.425  1.00 6.79  ? 49  ASP A CB  1 
ATOM   188 C  CG  . ASP A 1 28 ? 3.722   -2.203  -10.438 1.00 11.12 ? 49  ASP A CG  1 
ATOM   189 O  OD1 . ASP A 1 28 ? 3.278   -3.291  -10.044 1.00 7.81  ? 49  ASP A OD1 1 
ATOM   190 O  OD2 . ASP A 1 28 ? 4.066   -2.013  -11.628 1.00 13.41 ? 49  ASP A OD2 1 
ATOM   191 N  N   . LYS A 1 29 ? 0.482   -1.252  -9.621  1.00 5.21  ? 50  LYS A N   1 
ATOM   192 C  CA  . LYS A 1 29 ? -0.729  -0.854  -10.325 1.00 3.27  ? 50  LYS A CA  1 
ATOM   193 C  C   . LYS A 1 29 ? -1.967  -1.146  -9.481  1.00 2.82  ? 50  LYS A C   1 
ATOM   194 O  O   . LYS A 1 29 ? -2.994  -1.543  -10.016 1.00 4.45  ? 50  LYS A O   1 
ATOM   195 C  CB  . LYS A 1 29 ? -0.845  -1.628  -11.654 1.00 8.31  ? 50  LYS A CB  1 
ATOM   196 C  CG  . LYS A 1 29 ? 0.396   -1.440  -12.533 1.00 15.29 ? 50  LYS A CG  1 
ATOM   197 C  CD  . LYS A 1 29 ? 0.302   -2.347  -13.749 1.00 17.76 ? 50  LYS A CD  1 
ATOM   198 C  CE  . LYS A 1 29 ? 1.231   -1.875  -14.862 1.00 29.80 ? 50  LYS A CE  1 
ATOM   199 N  NZ  . LYS A 1 29 ? 1.026   -2.700  -16.090 1.00 32.71 ? 50  LYS A NZ  1 
ATOM   200 N  N   . ALA A 1 30 ? -1.833  -1.091  -8.143  1.00 3.74  ? 51  ALA A N   1 
ATOM   201 C  CA  . ALA A 1 30 ? -2.922  -1.475  -7.260  1.00 6.36  ? 51  ALA A CA  1 
ATOM   202 C  C   . ALA A 1 30 ? -4.231  -0.757  -7.518  1.00 4.31  ? 51  ALA A C   1 
ATOM   203 O  O   . ALA A 1 30 ? -5.306  -1.333  -7.337  1.00 4.98  ? 51  ALA A O   1 
ATOM   204 C  CB  . ALA A 1 30 ? -2.561  -1.266  -5.798  1.00 5.88  ? 51  ALA A CB  1 
ATOM   205 N  N   . GLY A 1 31 ? -4.208  0.502   -7.936  1.00 4.80  ? 52  GLY A N   1 
ATOM   206 C  CA  . GLY A 1 31 ? -5.388  1.275   -8.220  1.00 5.95  ? 52  GLY A CA  1 
ATOM   207 C  C   . GLY A 1 31 ? -6.181  0.749   -9.414  1.00 4.63  ? 52  GLY A C   1 
ATOM   208 O  O   . GLY A 1 31 ? -7.364  1.056   -9.510  1.00 5.10  ? 52  GLY A O   1 
ATOM   209 N  N   . ALA A 1 32 ? -5.549  -0.096  -10.233 1.00 3.81  ? 53  ALA A N   1 
ATOM   210 C  CA  . ALA A 1 32 ? -6.247  -0.713  -11.354 1.00 3.99  ? 53  ALA A CA  1 
ATOM   211 C  C   . ALA A 1 32 ? -7.123  -1.870  -10.840 1.00 7.07  ? 53  ALA A C   1 
ATOM   212 O  O   . ALA A 1 32 ? -8.074  -2.285  -11.493 1.00 9.38  ? 53  ALA A O   1 
ATOM   213 C  CB  . ALA A 1 32 ? -5.265  -1.247  -12.375 1.00 5.25  ? 53  ALA A CB  1 
ATOM   214 N  N   . ASN A 1 33 ? -6.763  -2.400  -9.670  1.00 5.66  ? 54  ASN A N   1 
ATOM   215 C  CA  . ASN A 1 33 ? -7.428  -3.572  -9.123  1.00 6.67  ? 54  ASN A CA  1 
ATOM   216 C  C   . ASN A 1 33 ? -8.267  -3.333  -7.870  1.00 7.59  ? 54  ASN A C   1 
ATOM   217 O  O   . ASN A 1 33 ? -9.147  -4.156  -7.567  1.00 7.04  ? 54  ASN A O   1 
ATOM   218 C  CB  . ASN A 1 33 ? -6.369  -4.649  -8.822  1.00 6.65  ? 54  ASN A CB  1 
ATOM   219 C  CG  . ASN A 1 33 ? -5.420  -4.887  -9.995  1.00 5.73  ? 54  ASN A CG  1 
ATOM   220 O  OD1 . ASN A 1 33 ? -4.195  -4.758  -9.910  1.00 11.06 ? 54  ASN A OD1 1 
ATOM   221 N  ND2 . ASN A 1 33 ? -5.996  -5.211  -11.129 1.00 4.42  ? 54  ASN A ND2 1 
ATOM   222 N  N   . TYR A 1 34 ? -8.005  -2.230  -7.177  1.00 4.83  ? 55  TYR A N   1 
ATOM   223 C  CA  . TYR A 1 34 ? -8.644  -1.914  -5.927  1.00 5.54  ? 55  TYR A CA  1 
ATOM   224 C  C   . TYR A 1 34 ? -9.096  -0.464  -5.868  1.00 6.42  ? 55  TYR A C   1 
ATOM   225 O  O   . TYR A 1 34 ? -8.404  0.383   -6.454  1.00 8.77  ? 55  TYR A O   1 
ATOM   226 C  CB  . TYR A 1 34 ? -7.639  -2.124  -4.766  1.00 4.90  ? 55  TYR A CB  1 
ATOM   227 C  CG  . TYR A 1 34 ? -7.208  -3.559  -4.649  1.00 5.38  ? 55  TYR A CG  1 
ATOM   228 C  CD1 . TYR A 1 34 ? -6.132  -4.052  -5.370  1.00 4.67  ? 55  TYR A CD1 1 
ATOM   229 C  CD2 . TYR A 1 34 ? -7.894  -4.470  -3.840  1.00 3.69  ? 55  TYR A CD2 1 
ATOM   230 C  CE1 . TYR A 1 34 ? -5.735  -5.356  -5.286  1.00 5.30  ? 55  TYR A CE1 1 
ATOM   231 C  CE2 . TYR A 1 34 ? -7.514  -5.787  -3.748  1.00 7.53  ? 55  TYR A CE2 1 
ATOM   232 C  CZ  . TYR A 1 34 ? -6.429  -6.232  -4.471  1.00 6.69  ? 55  TYR A CZ  1 
ATOM   233 O  OH  . TYR A 1 34 ? -6.005  -7.540  -4.433  1.00 6.05  ? 55  TYR A OH  1 
ATOM   234 N  N   . SER A 1 35 ? -10.189 -0.196  -5.160  1.00 7.77  ? 56  SER A N   1 
ATOM   235 C  CA  . SER A 1 35 ? -10.591 1.185   -4.921  1.00 6.53  ? 56  SER A CA  1 
ATOM   236 C  C   . SER A 1 35 ? -9.729  1.754   -3.790  1.00 6.61  ? 56  SER A C   1 
ATOM   237 O  O   . SER A 1 35 ? -9.083  1.022   -3.031  1.00 7.53  ? 56  SER A O   1 
ATOM   238 C  CB  . SER A 1 35 ? -12.050 1.274   -4.464  1.00 7.67  ? 56  SER A CB  1 
ATOM   239 O  OG  . SER A 1 35 ? -12.178 0.682   -3.174  1.00 7.12  ? 56  SER A OG  1 
ATOM   240 N  N   . GLU A 1 36 ? -9.701  3.084   -3.679  1.00 5.87  ? 57  GLU A N   1 
ATOM   241 C  CA  . GLU A 1 36 ? -8.988  3.729   -2.583  1.00 5.38  ? 57  GLU A CA  1 
ATOM   242 C  C   . GLU A 1 36 ? -9.442  3.155   -1.234  1.00 6.13  ? 57  GLU A C   1 
ATOM   243 O  O   . GLU A 1 36 ? -8.593  2.855   -0.399  1.00 5.32  ? 57  GLU A O   1 
ATOM   244 C  CB  . GLU A 1 36 ? -9.207  5.241   -2.611  1.00 9.88  ? 57  GLU A CB  1 
ATOM   245 C  CG  . GLU A 1 36 ? -8.424  6.029   -1.596  1.00 8.62  ? 57  GLU A CG  1 
ATOM   246 C  CD  . GLU A 1 36 ? -8.606  7.537   -1.709  1.00 12.88 ? 57  GLU A CD  1 
ATOM   247 O  OE1 . GLU A 1 36 ? -8.958  7.992   -2.804  1.00 18.25 ? 57  GLU A OE1 1 
ATOM   248 O  OE2 . GLU A 1 36 ? -8.386  8.209   -0.691  1.00 15.10 ? 57  GLU A OE2 1 
ATOM   249 N  N   . GLU A 1 37 ? -10.745 3.005   -0.995  1.00 5.87  ? 58  GLU A N   1 
ATOM   250 C  CA  . GLU A 1 37 ? -11.222 2.474   0.276   1.00 3.57  ? 58  GLU A CA  1 
ATOM   251 C  C   . GLU A 1 37 ? -10.761 1.034   0.465   1.00 2.54  ? 58  GLU A C   1 
ATOM   252 O  O   . GLU A 1 37 ? -10.351 0.711   1.595   1.00 3.89  ? 58  GLU A O   1 
ATOM   253 C  CB  . GLU A 1 37 ? -12.745 2.578   0.363   1.00 3.83  ? 58  GLU A CB  1 
ATOM   254 C  CG  . GLU A 1 37 ? -13.378 1.951   1.582   1.00 5.02  ? 58  GLU A CG  1 
ATOM   255 C  CD  . GLU A 1 37 ? -12.923 2.543   2.901   1.00 5.09  ? 58  GLU A CD  1 
ATOM   256 O  OE1 . GLU A 1 37 ? -12.409 3.669   2.914   1.00 9.45  ? 58  GLU A OE1 1 
ATOM   257 O  OE2 . GLU A 1 37 ? -13.095 1.822   3.909   1.00 12.53 ? 58  GLU A OE2 1 
ATOM   258 N  N   . GLU A 1 38 ? -10.741 0.189   -0.547  1.00 3.48  ? 59  GLU A N   1 
ATOM   259 C  CA  . GLU A 1 38 ? -10.249 -1.174  -0.397  1.00 3.05  ? 59  GLU A CA  1 
ATOM   260 C  C   . GLU A 1 38 ? -8.776  -1.160  0.005   1.00 3.82  ? 59  GLU A C   1 
ATOM   261 O  O   . GLU A 1 38 ? -8.342  -1.949  0.840   1.00 4.66  ? 59  GLU A O   1 
ATOM   262 C  CB  . GLU A 1 38 ? -10.382 -1.994  -1.683  1.00 3.78  ? 59  GLU A CB  1 
ATOM   263 C  CG  . GLU A 1 38 ? -11.778 -2.439  -2.092  1.00 6.46  ? 59  GLU A CG  1 
ATOM   264 C  CD  . GLU A 1 38 ? -11.669 -3.167  -3.430  1.00 12.80 ? 59  GLU A CD  1 
ATOM   265 O  OE1 . GLU A 1 38 ? -11.540 -2.473  -4.451  1.00 8.00  ? 59  GLU A OE1 1 
ATOM   266 O  OE2 . GLU A 1 38 ? -11.684 -4.414  -3.422  1.00 18.98 ? 59  GLU A OE2 1 
ATOM   267 N  N   . ILE A 1 39 ? -7.997  -0.270  -0.620  1.00 2.86  ? 60  ILE A N   1 
ATOM   268 C  CA  . ILE A 1 39 ? -6.581  -0.142  -0.299  1.00 2.50  ? 60  ILE A CA  1 
ATOM   269 C  C   . ILE A 1 39 ? -6.368  0.321   1.130   1.00 5.23  ? 60  ILE A C   1 
ATOM   270 O  O   . ILE A 1 39 ? -5.554  -0.230  1.871   1.00 4.11  ? 60  ILE A O   1 
ATOM   271 C  CB  . ILE A 1 39 ? -5.849  0.799   -1.289  1.00 3.23  ? 60  ILE A CB  1 
ATOM   272 C  CG1 . ILE A 1 39 ? -5.913  0.226   -2.687  1.00 5.73  ? 60  ILE A CG1 1 
ATOM   273 C  CG2 . ILE A 1 39 ? -4.417  0.999   -0.797  1.00 2.74  ? 60  ILE A CG2 1 
ATOM   274 C  CD1 . ILE A 1 39 ? -5.455  1.187   -3.781  1.00 4.94  ? 60  ILE A CD1 1 
ATOM   275 N  N   . LEU A 1 40 ? -7.210  1.254   1.576   1.00 3.71  ? 61  LEU A N   1 
ATOM   276 C  CA  . LEU A 1 40 ? -7.129  1.741   2.949   1.00 2.92  ? 61  LEU A CA  1 
ATOM   277 C  C   . LEU A 1 40 ? -7.442  0.622   3.939   1.00 2.52  ? 61  LEU A C   1 
ATOM   278 O  O   . LEU A 1 40 ? -6.735  0.485   4.935   1.00 2.81  ? 61  LEU A O   1 
ATOM   279 C  CB  . LEU A 1 40 ? -8.080  2.932   3.135   1.00 4.11  ? 61  LEU A CB  1 
ATOM   280 C  CG  . LEU A 1 40 ? -8.104  3.493   4.554   1.00 4.20  ? 61  LEU A CG  1 
ATOM   281 C  CD1 . LEU A 1 40 ? -6.735  4.051   4.933   1.00 2.04  ? 61  LEU A CD1 1 
ATOM   282 C  CD2 . LEU A 1 40 ? -9.173  4.568   4.712   1.00 7.08  ? 61  LEU A CD2 1 
ATOM   283 N  N   . ASP A 1 41 ? -8.466  -0.158  3.682   1.00 3.15  ? 62  ASP A N   1 
ATOM   284 C  CA  . ASP A 1 41 ? -8.848  -1.289  4.536   1.00 2.53  ? 62  ASP A CA  1 
ATOM   285 C  C   . ASP A 1 41 ? -7.700  -2.289  4.671   1.00 2.51  ? 62  ASP A C   1 
ATOM   286 O  O   . ASP A 1 41 ? -7.298  -2.730  5.760   1.00 4.32  ? 62  ASP A O   1 
ATOM   287 C  CB  . ASP A 1 41 ? -10.105 -1.918  3.967   1.00 5.75  ? 62  ASP A CB  1 
ATOM   288 C  CG  . ASP A 1 41 ? -10.881 -2.825  4.901   1.00 17.19 ? 62  ASP A CG  1 
ATOM   289 O  OD1 . ASP A 1 41 ? -10.878 -2.684  6.135   1.00 12.02 ? 62  ASP A OD1 1 
ATOM   290 O  OD2 . ASP A 1 41 ? -11.553 -3.736  4.358   1.00 27.03 ? 62  ASP A OD2 1 
ATOM   291 N  N   . ILE A 1 42 ? -7.047  -2.587  3.548   1.00 3.42  ? 63  ILE A N   1 
ATOM   292 C  CA  . ILE A 1 42 ? -5.897  -3.482  3.559   1.00 2.35  ? 63  ILE A CA  1 
ATOM   293 C  C   . ILE A 1 42 ? -4.745  -2.919  4.375   1.00 4.16  ? 63  ILE A C   1 
ATOM   294 O  O   . ILE A 1 42 ? -4.080  -3.620  5.137   1.00 3.95  ? 63  ILE A O   1 
ATOM   295 C  CB  . ILE A 1 42 ? -5.424  -3.775  2.116   1.00 3.05  ? 63  ILE A CB  1 
ATOM   296 C  CG1 . ILE A 1 42 ? -6.450  -4.669  1.411   1.00 4.90  ? 63  ILE A CG1 1 
ATOM   297 C  CG2 . ILE A 1 42 ? -4.045  -4.382  2.114   1.00 4.96  ? 63  ILE A CG2 1 
ATOM   298 C  CD1 . ILE A 1 42 ? -6.316  -4.582  -0.107  1.00 3.54  ? 63  ILE A CD1 1 
ATOM   299 N  N   . ILE A 1 43 ? -4.460  -1.620  4.214   1.00 3.12  ? 64  ILE A N   1 
ATOM   300 C  CA  . ILE A 1 43 ? -3.359  -1.014  4.956   1.00 3.21  ? 64  ILE A CA  1 
ATOM   301 C  C   . ILE A 1 43 ? -3.605  -1.051  6.457   1.00 2.16  ? 64  ILE A C   1 
ATOM   302 O  O   . ILE A 1 43 ? -2.796  -1.444  7.280   1.00 5.17  ? 64  ILE A O   1 
ATOM   303 C  CB  . ILE A 1 43 ? -3.082  0.426   4.495   1.00 6.57  ? 64  ILE A CB  1 
ATOM   304 C  CG1 . ILE A 1 43 ? -2.606  0.413   3.033   1.00 5.70  ? 64  ILE A CG1 1 
ATOM   305 C  CG2 . ILE A 1 43 ? -2.064  1.082   5.413   1.00 5.14  ? 64  ILE A CG2 1 
ATOM   306 C  CD1 . ILE A 1 43 ? -2.562  1.778   2.386   1.00 6.32  ? 64  ILE A CD1 1 
ATOM   307 N  N   . LEU A 1 44 ? -4.817  -0.608  6.836   1.00 4.20  ? 65  LEU A N   1 
ATOM   308 C  CA  . LEU A 1 44 ? -5.140  -0.521  8.251   1.00 5.04  ? 65  LEU A CA  1 
ATOM   309 C  C   . LEU A 1 44 ? -5.262  -1.913  8.875   1.00 4.67  ? 65  LEU A C   1 
ATOM   310 O  O   . LEU A 1 44 ? -4.792  -2.118  9.978   1.00 5.29  ? 65  LEU A O   1 
ATOM   311 C  CB  . LEU A 1 44 ? -6.477  0.187   8.444   1.00 4.88  ? 65  LEU A CB  1 
ATOM   312 C  CG  . LEU A 1 44 ? -6.534  1.645   7.989   1.00 3.39  ? 65  LEU A CG  1 
ATOM   313 C  CD1 . LEU A 1 44 ? -7.955  2.152   8.075   1.00 7.34  ? 65  LEU A CD1 1 
ATOM   314 C  CD2 . LEU A 1 44 ? -5.547  2.476   8.809   1.00 3.22  ? 65  LEU A CD2 1 
ATOM   315 N  N   . ASN A 1 45 ? -5.934  -2.808  8.161   1.00 4.59  ? 66  ASN A N   1 
ATOM   316 C  CA  . ASN A 1 45 ? -6.326  -4.072  8.757   1.00 2.20  ? 66  ASN A CA  1 
ATOM   317 C  C   . ASN A 1 45 ? -5.621  -5.319  8.265   1.00 4.47  ? 66  ASN A C   1 
ATOM   318 O  O   . ASN A 1 45 ? -5.853  -6.377  8.869   1.00 7.93  ? 66  ASN A O   1 
ATOM   319 C  CB  . ASN A 1 45 ? -7.837  -4.268  8.519   1.00 4.83  ? 66  ASN A CB  1 
ATOM   320 C  CG  . ASN A 1 45 ? -8.655  -3.185  9.193   1.00 4.42  ? 66  ASN A CG  1 
ATOM   321 O  OD1 . ASN A 1 45 ? -9.615  -2.661  8.623   1.00 7.85  ? 66  ASN A OD1 1 
ATOM   322 N  ND2 . ASN A 1 45 ? -8.249  -2.871  10.413  1.00 6.82  ? 66  ASN A ND2 1 
ATOM   323 N  N   . GLY A 1 46 ? -4.846  -5.215  7.189   1.00 4.29  ? 67  GLY A N   1 
ATOM   324 C  CA  . GLY A 1 46 ? -4.264  -6.477  6.674   1.00 2.76  ? 67  GLY A CA  1 
ATOM   325 C  C   . GLY A 1 46 ? -5.304  -7.178  5.823   1.00 3.52  ? 67  GLY A C   1 
ATOM   326 O  O   . GLY A 1 46 ? -6.454  -6.771  5.677   1.00 6.24  ? 67  GLY A O   1 
ATOM   327 N  N   . GLN A 1 47 ? -4.842  -8.259  5.189   1.00 4.72  ? 68  GLN A N   1 
ATOM   328 C  CA  . GLN A 1 47 ? -5.653  -9.049  4.266   1.00 5.29  ? 68  GLN A CA  1 
ATOM   329 C  C   . GLN A 1 47 ? -4.851  -10.279 3.881   1.00 5.53  ? 68  GLN A C   1 
ATOM   330 O  O   . GLN A 1 47 ? -3.681  -10.195 3.517   1.00 8.20  ? 68  GLN A O   1 
ATOM   331 C  CB  . GLN A 1 47 ? -6.043  -8.232  3.032   1.00 9.88  ? 68  GLN A CB  1 
ATOM   332 C  CG  . GLN A 1 47 ? -7.029  -8.974  2.131   1.00 13.51 ? 68  GLN A CG  1 
ATOM   333 C  CD  . GLN A 1 47 ? -7.938  -8.053  1.346   1.00 18.23 ? 68  GLN A CD  1 
ATOM   334 O  OE1 . GLN A 1 47 ? -8.807  -7.369  1.898   1.00 21.75 ? 68  GLN A OE1 1 
ATOM   335 N  NE2 . GLN A 1 47 ? -7.772  -7.995  0.039   1.00 15.77 ? 68  GLN A NE2 1 
ATOM   336 N  N   . GLY A 1 48 ? -5.416  -11.459 4.147   1.00 7.70  ? 69  GLY A N   1 
ATOM   337 C  CA  . GLY A 1 48 ? -4.702  -12.699 3.836   1.00 7.22  ? 69  GLY A CA  1 
ATOM   338 C  C   . GLY A 1 48 ? -3.356  -12.715 4.530   1.00 5.81  ? 69  GLY A C   1 
ATOM   339 O  O   . GLY A 1 48 ? -3.262  -12.550 5.755   1.00 5.78  ? 69  GLY A O   1 
ATOM   340 N  N   . GLY A 1 49 ? -2.247  -12.878 3.800   1.00 5.30  ? 70  GLY A N   1 
ATOM   341 C  CA  . GLY A 1 49 ? -0.921  -12.916 4.342   1.00 5.03  ? 70  GLY A CA  1 
ATOM   342 C  C   . GLY A 1 49 ? -0.349  -11.586 4.824   1.00 5.23  ? 70  GLY A C   1 
ATOM   343 O  O   . GLY A 1 49 ? 0.692   -11.558 5.482   1.00 5.64  ? 70  GLY A O   1 
ATOM   344 N  N   . MET A 1 50 ? -1.059  -10.504 4.504   1.00 4.49  ? 71  MET A N   1 
ATOM   345 C  CA  . MET A 1 50 ? -0.543  -9.194  4.970   1.00 4.45  ? 71  MET A CA  1 
ATOM   346 C  C   . MET A 1 50 ? -1.064  -8.825  6.344   1.00 3.88  ? 71  MET A C   1 
ATOM   347 O  O   . MET A 1 50 ? -2.274  -8.867  6.539   1.00 4.65  ? 71  MET A O   1 
ATOM   348 C  CB  . MET A 1 50 ? -1.014  -8.116  3.986   1.00 2.00  ? 71  MET A CB  1 
ATOM   349 C  CG  . MET A 1 50 ? -0.450  -6.734  4.357   1.00 6.69  ? 71  MET A CG  1 
ATOM   350 S  SD  . MET A 1 50 ? -0.777  -5.494  3.088   1.00 2.00  ? 71  MET A SD  1 
ATOM   351 C  CE  . MET A 1 50 ? -0.644  -3.975  4.027   1.00 6.96  ? 71  MET A CE  1 
ATOM   352 N  N   . PRO A 1 51 ? -0.175  -8.462  7.245   1.00 4.83  ? 72  PRO A N   1 
ATOM   353 C  CA  . PRO A 1 51 ? -0.549  -8.014  8.579   1.00 5.49  ? 72  PRO A CA  1 
ATOM   354 C  C   . PRO A 1 51 ? -1.266  -6.669  8.540   1.00 4.27  ? 72  PRO A C   1 
ATOM   355 O  O   . PRO A 1 51 ? -1.004  -5.895  7.609   1.00 6.18  ? 72  PRO A O   1 
ATOM   356 C  CB  . PRO A 1 51 ? 0.753   -7.803  9.366   1.00 6.64  ? 72  PRO A CB  1 
ATOM   357 C  CG  . PRO A 1 51 ? 1.819   -7.942  8.332   1.00 9.98  ? 72  PRO A CG  1 
ATOM   358 C  CD  . PRO A 1 51 ? 1.269   -8.397  7.014   1.00 6.47  ? 72  PRO A CD  1 
ATOM   359 N  N   . GLY A 1 52 ? -2.077  -6.389  9.550   1.00 5.63  ? 73  GLY A N   1 
ATOM   360 C  CA  . GLY A 1 52 ? -2.684  -5.073  9.697   1.00 4.22  ? 73  GLY A CA  1 
ATOM   361 C  C   . GLY A 1 52 ? -1.755  -4.175  10.533  1.00 4.49  ? 73  GLY A C   1 
ATOM   362 O  O   . GLY A 1 52 ? -0.726  -4.582  11.055  1.00 8.19  ? 73  GLY A O   1 
ATOM   363 N  N   . GLY A 1 53 ? -2.091  -2.896  10.559  1.00 5.60  ? 74  GLY A N   1 
ATOM   364 C  CA  . GLY A 1 53 ? -1.422  -1.913  11.380  1.00 8.91  ? 74  GLY A CA  1 
ATOM   365 C  C   . GLY A 1 53 ? -0.128  -1.318  10.936  1.00 8.63  ? 74  GLY A C   1 
ATOM   366 O  O   . GLY A 1 53 ? 0.499   -0.553  11.705  1.00 9.29  ? 74  GLY A O   1 
ATOM   367 N  N   . ILE A 1 54 ? 0.346   -1.591  9.726   1.00 4.97  ? 75  ILE A N   1 
ATOM   368 C  CA  . ILE A 1 54 ? 1.607   -1.074  9.238   1.00 5.97  ? 75  ILE A CA  1 
ATOM   369 C  C   . ILE A 1 54 ? 1.599   0.438   9.070   1.00 8.31  ? 75  ILE A C   1 
ATOM   370 O  O   . ILE A 1 54 ? 2.618   1.069   9.395   1.00 11.59 ? 75  ILE A O   1 
ATOM   371 C  CB  . ILE A 1 54 ? 2.023   -1.770  7.925   1.00 7.83  ? 75  ILE A CB  1 
ATOM   372 C  CG1 . ILE A 1 54 ? 2.357   -3.215  8.312   1.00 8.31  ? 75  ILE A CG1 1 
ATOM   373 C  CG2 . ILE A 1 54 ? 3.228   -1.073  7.313   1.00 8.80  ? 75  ILE A CG2 1 
ATOM   374 C  CD1 . ILE A 1 54 ? 2.387   -4.170  7.139   1.00 9.47  ? 75  ILE A CD1 1 
ATOM   375 N  N   . ALA A 1 55 ? 0.476   0.984   8.661   1.00 8.24  ? 76  ALA A N   1 
ATOM   376 C  CA  . ALA A 1 55 ? 0.288   2.436   8.603   1.00 7.91  ? 76  ALA A CA  1 
ATOM   377 C  C   . ALA A 1 55 ? -1.103  2.737   9.157   1.00 8.48  ? 76  ALA A C   1 
ATOM   378 O  O   . ALA A 1 55 ? -2.008  1.884   9.177   1.00 8.00  ? 76  ALA A O   1 
ATOM   379 C  CB  . ALA A 1 55 ? 0.531   2.986   7.215   1.00 7.18  ? 76  ALA A CB  1 
ATOM   380 N  N   . LYS A 1 56 ? -1.287  3.931   9.708   1.00 5.87  ? 77  LYS A N   1 
ATOM   381 C  CA  . LYS A 1 56 ? -2.510  4.353   10.329  1.00 7.06  ? 77  LYS A CA  1 
ATOM   382 C  C   . LYS A 1 56 ? -2.860  5.807   9.990   1.00 6.05  ? 77  LYS A C   1 
ATOM   383 O  O   . LYS A 1 56 ? -2.043  6.556   9.467   1.00 6.76  ? 77  LYS A O   1 
ATOM   384 C  CB  . LYS A 1 56 ? -2.430  4.272   11.861  1.00 8.65  ? 77  LYS A CB  1 
ATOM   385 C  CG  . LYS A 1 56 ? -2.164  2.893   12.420  1.00 5.53  ? 77  LYS A CG  1 
ATOM   386 C  CD  . LYS A 1 56 ? -1.733  2.890   13.873  1.00 9.00  ? 77  LYS A CD  1 
ATOM   387 C  CE  . LYS A 1 56 ? -1.655  1.459   14.384  1.00 11.32 ? 77  LYS A CE  1 
ATOM   388 N  NZ  . LYS A 1 56 ? -1.309  1.411   15.830  1.00 13.72 ? 77  LYS A NZ  1 
ATOM   389 N  N   . GLY A 1 57 ? -4.103  6.133   10.247  1.00 5.96  ? 78  GLY A N   1 
ATOM   390 C  CA  . GLY A 1 57 ? -4.647  7.463   10.119  1.00 7.01  ? 78  GLY A CA  1 
ATOM   391 C  C   . GLY A 1 57 ? -4.337  8.162   8.798   1.00 7.23  ? 78  GLY A C   1 
ATOM   392 O  O   . GLY A 1 57 ? -4.498  7.591   7.738   1.00 6.70  ? 78  GLY A O   1 
ATOM   393 N  N   . ALA A 1 58 ? -4.007  9.447   8.924   1.00 10.76 ? 79  ALA A N   1 
ATOM   394 C  CA  . ALA A 1 58 ? -3.734  10.285  7.760   1.00 11.33 ? 79  ALA A CA  1 
ATOM   395 C  C   . ALA A 1 58 ? -2.626  9.718   6.883   1.00 9.32  ? 79  ALA A C   1 
ATOM   396 O  O   . ALA A 1 58 ? -2.707  9.822   5.654   1.00 9.71  ? 79  ALA A O   1 
ATOM   397 C  CB  . ALA A 1 58 ? -3.381  11.691  8.245   1.00 16.68 ? 79  ALA A CB  1 
ATOM   398 N  N   . GLU A 1 59 ? -1.641  9.071   7.456   1.00 7.91  ? 80  GLU A N   1 
ATOM   399 C  CA  . GLU A 1 59 ? -0.545  8.466   6.708   1.00 7.15  ? 80  GLU A CA  1 
ATOM   400 C  C   . GLU A 1 59 ? -1.072  7.339   5.818   1.00 7.24  ? 80  GLU A C   1 
ATOM   401 O  O   . GLU A 1 59 ? -0.838  7.296   4.607   1.00 7.26  ? 80  GLU A O   1 
ATOM   402 C  CB  . GLU A 1 59 ? 0.499   7.936   7.677   1.00 17.48 ? 80  GLU A CB  1 
ATOM   403 C  CG  . GLU A 1 59 ? 1.898   7.811   7.104   1.00 23.11 ? 80  GLU A CG  1 
ATOM   404 C  CD  . GLU A 1 59 ? 2.928   7.509   8.178   1.00 24.31 ? 80  GLU A CD  1 
ATOM   405 O  OE1 . GLU A 1 59 ? 2.950   6.361   8.665   1.00 24.04 ? 80  GLU A OE1 1 
ATOM   406 O  OE2 . GLU A 1 59 ? 3.717   8.403   8.538   1.00 27.51 ? 80  GLU A OE2 1 
ATOM   407 N  N   . ALA A 1 60 ? -1.885  6.470   6.413   1.00 6.80  ? 81  ALA A N   1 
ATOM   408 C  CA  . ALA A 1 60 ? -2.490  5.380   5.655   1.00 5.16  ? 81  ALA A CA  1 
ATOM   409 C  C   . ALA A 1 60 ? -3.397  5.941   4.575   1.00 6.45  ? 81  ALA A C   1 
ATOM   410 O  O   . ALA A 1 60 ? -3.473  5.375   3.490   1.00 4.94  ? 81  ALA A O   1 
ATOM   411 C  CB  . ALA A 1 60 ? -3.305  4.434   6.544   1.00 3.73  ? 81  ALA A CB  1 
ATOM   412 N  N   . GLU A 1 61 ? -4.142  7.011   4.901   1.00 4.55  ? 82  GLU A N   1 
ATOM   413 C  CA  . GLU A 1 61 ? -5.069  7.586   3.954   1.00 4.20  ? 82  GLU A CA  1 
ATOM   414 C  C   . GLU A 1 61 ? -4.327  8.168   2.760   1.00 2.90  ? 82  GLU A C   1 
ATOM   415 O  O   . GLU A 1 61 ? -4.798  8.039   1.632   1.00 3.71  ? 82  GLU A O   1 
ATOM   416 C  CB  . GLU A 1 61 ? -5.997  8.590   4.640   1.00 3.52  ? 82  GLU A CB  1 
ATOM   417 C  CG  . GLU A 1 61 ? -6.948  7.878   5.608   1.00 6.13  ? 82  GLU A CG  1 
ATOM   418 C  CD  . GLU A 1 61 ? -7.982  8.761   6.249   1.00 12.26 ? 82  GLU A CD  1 
ATOM   419 O  OE1 . GLU A 1 61 ? -7.908  9.999   6.109   1.00 13.16 ? 82  GLU A OE1 1 
ATOM   420 O  OE2 . GLU A 1 61 ? -8.879  8.185   6.920   1.00 9.47  ? 82  GLU A OE2 1 
ATOM   421 N  N   . ALA A 1 62 ? -3.184  8.785   3.039   1.00 4.51  ? 83  ALA A N   1 
ATOM   422 C  CA  . ALA A 1 62 ? -2.402  9.419   1.971   1.00 6.04  ? 83  ALA A CA  1 
ATOM   423 C  C   . ALA A 1 62 ? -1.830  8.347   1.047   1.00 4.69  ? 83  ALA A C   1 
ATOM   424 O  O   . ALA A 1 62 ? -1.847  8.491   -0.178  1.00 7.17  ? 83  ALA A O   1 
ATOM   425 C  CB  . ALA A 1 62 ? -1.310  10.274  2.557   1.00 4.41  ? 83  ALA A CB  1 
ATOM   426 N  N   . VAL A 1 63 ? -1.368  7.267   1.664   1.00 4.73  ? 84  VAL A N   1 
ATOM   427 C  CA  . VAL A 1 63 ? -0.874  6.133   0.901   1.00 4.73  ? 84  VAL A CA  1 
ATOM   428 C  C   . VAL A 1 63 ? -1.968  5.486   0.079   1.00 2.76  ? 84  VAL A C   1 
ATOM   429 O  O   . VAL A 1 63 ? -1.753  5.197   -1.102  1.00 3.14  ? 84  VAL A O   1 
ATOM   430 C  CB  . VAL A 1 63 ? -0.162  5.098   1.787   1.00 4.28  ? 84  VAL A CB  1 
ATOM   431 C  CG1 . VAL A 1 63 ? 0.172   3.846   0.998   1.00 4.86  ? 84  VAL A CG1 1 
ATOM   432 C  CG2 . VAL A 1 63 ? 1.055   5.733   2.417   1.00 3.21  ? 84  VAL A CG2 1 
ATOM   433 N  N   . ALA A 1 64 ? -3.149  5.282   0.664   1.00 3.03  ? 85  ALA A N   1 
ATOM   434 C  CA  . ALA A 1 64 ? -4.255  4.725   -0.093  1.00 4.05  ? 85  ALA A CA  1 
ATOM   435 C  C   . ALA A 1 64 ? -4.580  5.608   -1.291  1.00 5.68  ? 85  ALA A C   1 
ATOM   436 O  O   . ALA A 1 64 ? -4.812  5.108   -2.386  1.00 3.95  ? 85  ALA A O   1 
ATOM   437 C  CB  . ALA A 1 64 ? -5.461  4.467   0.789   1.00 2.40  ? 85  ALA A CB  1 
ATOM   438 N  N   . ALA A 1 65 ? -4.612  6.935   -1.079  1.00 4.00  ? 86  ALA A N   1 
ATOM   439 C  CA  . ALA A 1 65 ? -4.972  7.827   -2.184  1.00 5.75  ? 86  ALA A CA  1 
ATOM   440 C  C   . ALA A 1 65 ? -3.924  7.796   -3.291  1.00 3.42  ? 86  ALA A C   1 
ATOM   441 O  O   . ALA A 1 65 ? -4.266  7.873   -4.489  1.00 6.06  ? 86  ALA A O   1 
ATOM   442 C  CB  . ALA A 1 65 ? -5.104  9.249   -1.649  1.00 4.51  ? 86  ALA A CB  1 
ATOM   443 N  N   . TRP A 1 66 ? -2.675  7.711   -2.895  1.00 5.80  ? 87  TRP A N   1 
ATOM   444 C  CA  . TRP A 1 66 ? -1.564  7.690   -3.857  1.00 3.91  ? 87  TRP A CA  1 
ATOM   445 C  C   . TRP A 1 66 ? -1.570  6.409   -4.661  1.00 6.37  ? 87  TRP A C   1 
ATOM   446 O  O   . TRP A 1 66 ? -1.467  6.441   -5.892  1.00 7.54  ? 87  TRP A O   1 
ATOM   447 C  CB  . TRP A 1 66 ? -0.259  7.894   -3.100  1.00 6.60  ? 87  TRP A CB  1 
ATOM   448 C  CG  . TRP A 1 66 ? 1.001   7.952   -3.900  1.00 8.16  ? 87  TRP A CG  1 
ATOM   449 C  CD1 . TRP A 1 66 ? 1.468   9.024   -4.613  1.00 11.43 ? 87  TRP A CD1 1 
ATOM   450 C  CD2 . TRP A 1 66 ? 1.983   6.917   -4.073  1.00 7.50  ? 87  TRP A CD2 1 
ATOM   451 N  NE1 . TRP A 1 66 ? 2.663   8.723   -5.211  1.00 11.36 ? 87  TRP A NE1 1 
ATOM   452 C  CE2 . TRP A 1 66 ? 3.008   7.435   -4.891  1.00 9.72  ? 87  TRP A CE2 1 
ATOM   453 C  CE3 . TRP A 1 66 ? 2.090   5.608   -3.593  1.00 9.07  ? 87  TRP A CE3 1 
ATOM   454 C  CZ2 . TRP A 1 66 ? 4.129   6.689   -5.261  1.00 11.65 ? 87  TRP A CZ2 1 
ATOM   455 C  CZ3 . TRP A 1 66 ? 3.201   4.869   -3.957  1.00 12.10 ? 87  TRP A CZ3 1 
ATOM   456 C  CH2 . TRP A 1 66 ? 4.201   5.403   -4.777  1.00 10.13 ? 87  TRP A CH2 1 
ATOM   457 N  N   . LEU A 1 67 ? -1.699  5.266   -3.976  1.00 4.99  ? 88  LEU A N   1 
ATOM   458 C  CA  . LEU A 1 67 ? -1.736  3.992   -4.716  1.00 5.30  ? 88  LEU A CA  1 
ATOM   459 C  C   . LEU A 1 67 ? -2.970  3.825   -5.575  1.00 4.57  ? 88  LEU A C   1 
ATOM   460 O  O   . LEU A 1 67 ? -2.958  3.153   -6.626  1.00 5.24  ? 88  LEU A O   1 
ATOM   461 C  CB  . LEU A 1 67 ? -1.644  2.843   -3.708  1.00 5.49  ? 88  LEU A CB  1 
ATOM   462 C  CG  . LEU A 1 67 ? -0.299  2.533   -3.080  1.00 15.13 ? 88  LEU A CG  1 
ATOM   463 C  CD1 . LEU A 1 67 ? -0.449  1.421   -2.046  1.00 16.59 ? 88  LEU A CD1 1 
ATOM   464 C  CD2 . LEU A 1 67 ? 0.693   2.100   -4.156  1.00 13.88 ? 88  LEU A CD2 1 
ATOM   465 N  N   . ALA A 1 68 ? -4.112  4.377   -5.166  1.00 3.79  ? 89  ALA A N   1 
ATOM   466 C  CA  . ALA A 1 68 ? -5.358  4.316   -5.889  1.00 3.22  ? 89  ALA A CA  1 
ATOM   467 C  C   . ALA A 1 68 ? -5.225  4.934   -7.283  1.00 4.95  ? 89  ALA A C   1 
ATOM   468 O  O   . ALA A 1 68 ? -6.004  4.561   -8.150  1.00 8.53  ? 89  ALA A O   1 
ATOM   469 C  CB  . ALA A 1 68 ? -6.471  5.045   -5.143  1.00 5.34  ? 89  ALA A CB  1 
ATOM   470 N  N   . GLU A 1 69 ? -4.264  5.844   -7.435  1.00 5.21  ? 90  GLU A N   1 
ATOM   471 C  CA  . GLU A 1 69 ? -4.092  6.461   -8.756  1.00 7.94  ? 90  GLU A CA  1 
ATOM   472 C  C   . GLU A 1 69 ? -3.073  5.749   -9.629  1.00 8.20  ? 90  GLU A C   1 
ATOM   473 O  O   . GLU A 1 69 ? -2.855  6.193   -10.769 1.00 9.36  ? 90  GLU A O   1 
ATOM   474 C  CB  . GLU A 1 69 ? -3.698  7.932   -8.562  1.00 10.47 ? 90  GLU A CB  1 
ATOM   475 C  CG  . GLU A 1 69 ? -4.830  8.742   -7.952  1.00 16.50 ? 90  GLU A CG  1 
ATOM   476 C  CD  . GLU A 1 69 ? -6.153  8.713   -8.663  1.00 29.18 ? 90  GLU A CD  1 
ATOM   477 O  OE1 . GLU A 1 69 ? -6.258  8.304   -9.840  1.00 35.08 ? 90  GLU A OE1 1 
ATOM   478 O  OE2 . GLU A 1 69 ? -7.166  9.120   -8.038  1.00 32.77 ? 90  GLU A OE2 1 
ATOM   479 N  N   . LYS A 1 70 ? -2.461  4.686   -9.128  1.00 5.67  ? 91  LYS A N   1 
ATOM   480 C  CA  . LYS A 1 70 ? -1.445  3.956   -9.877  1.00 7.36  ? 91  LYS A CA  1 
ATOM   481 C  C   . LYS A 1 70 ? -2.100  2.776   -10.580 1.00 7.73  ? 91  LYS A C   1 
ATOM   482 O  O   . LYS A 1 70 ? -2.699  1.901   -9.940  1.00 6.57  ? 91  LYS A O   1 
ATOM   483 C  CB  . LYS A 1 70 ? -0.291  3.527   -8.997  1.00 4.68  ? 91  LYS A CB  1 
ATOM   484 C  CG  . LYS A 1 70 ? 0.493   4.690   -8.407  1.00 9.19  ? 91  LYS A CG  1 
ATOM   485 C  CD  . LYS A 1 70 ? 1.606   4.273   -7.485  1.00 20.05 ? 91  LYS A CD  1 
ATOM   486 C  CE  . LYS A 1 70 ? 2.775   3.621   -8.193  1.00 27.28 ? 91  LYS A CE  1 
ATOM   487 N  NZ  . LYS A 1 70 ? 3.533   4.584   -9.039  1.00 26.63 ? 91  LYS A NZ  1 
ATOM   488 N  N   . LYS A 1 71 ? -2.107  2.849   -11.919 1.00 8.25  ? 92  LYS A N   1 
ATOM   489 C  CA  . LYS A 1 71 ? -2.860  1.872   -12.709 1.00 7.43  ? 92  LYS A CA  1 
ATOM   490 C  C   . LYS A 1 71 ? -2.082  1.369   -13.931 1.00 9.91  ? 92  LYS A C   1 
ATOM   491 O  O   . LYS A 1 71 ? -2.536  0.402   -14.588 1.00 8.84  ? 92  LYS A O   1 
ATOM   492 C  CB  . LYS A 1 71 ? -4.161  2.524   -13.183 1.00 5.11  ? 92  LYS A CB  1 
ATOM   493 C  CG  . LYS A 1 71 ? -5.043  2.969   -12.030 1.00 11.47 ? 92  LYS A CG  1 
ATOM   494 C  CD  . LYS A 1 71 ? -6.301  3.646   -12.474 1.00 13.28 ? 92  LYS A CD  1 
ATOM   495 C  CE  . LYS A 1 71 ? -6.999  4.445   -11.386 1.00 14.40 ? 92  LYS A CE  1 
ATOM   496 N  NZ  . LYS A 1 71 ? -8.187  5.160   -11.938 1.00 18.72 ? 92  LYS A NZ  1 
HETATM 497 FE FE  . HEC B 2 .  ? 0.869   -5.497  1.617   1.00 2.43  ? 93  HEC A FE  1 
HETATM 498 C  CHA . HEC B 2 .  ? -1.239  -7.418  -0.248  1.00 4.51  ? 93  HEC A CHA 1 
HETATM 499 C  CHB . HEC B 2 .  ? -0.424  -2.656  0.027   1.00 2.14  ? 93  HEC A CHB 1 
HETATM 500 C  CHC . HEC B 2 .  ? 2.968   -3.528  3.428   1.00 3.17  ? 93  HEC A CHC 1 
HETATM 501 C  CHD . HEC B 2 .  ? 2.583   -8.314  2.629   1.00 5.05  ? 93  HEC A CHD 1 
HETATM 502 N  NA  . HEC B 2 .  ? -0.540  -5.112  0.135   1.00 2.28  ? 93  HEC A NA  1 
HETATM 503 C  C1A . HEC B 2 .  ? -1.355  -6.058  -0.446  1.00 3.04  ? 93  HEC A C1A 1 
HETATM 504 C  C2A . HEC B 2 .  ? -2.310  -5.391  -1.289  1.00 2.51  ? 93  HEC A C2A 1 
HETATM 505 C  C3A . HEC B 2 .  ? -2.060  -4.074  -1.223  1.00 2.67  ? 93  HEC A C3A 1 
HETATM 506 C  C4A . HEC B 2 .  ? -0.957  -3.886  -0.308  1.00 2.62  ? 93  HEC A C4A 1 
HETATM 507 C  CMA . HEC B 2 .  ? -2.795  -2.902  -1.932  1.00 2.83  ? 93  HEC A CMA 1 
HETATM 508 C  CAA . HEC B 2 .  ? -3.396  -6.107  -2.128  1.00 2.57  ? 93  HEC A CAA 1 
HETATM 509 C  CBA . HEC B 2 .  ? -2.913  -7.007  -3.253  1.00 4.31  ? 93  HEC A CBA 1 
HETATM 510 C  CGA . HEC B 2 .  ? -2.011  -6.277  -4.228  1.00 4.29  ? 93  HEC A CGA 1 
HETATM 511 O  O1A . HEC B 2 .  ? -2.313  -5.105  -4.564  1.00 5.66  ? 93  HEC A O1A 1 
HETATM 512 O  O2A . HEC B 2 .  ? -1.005  -6.945  -4.574  1.00 7.58  ? 93  HEC A O2A 1 
HETATM 513 N  NB  . HEC B 2 .  ? 1.213   -3.469  1.686   1.00 2.00  ? 93  HEC A NB  1 
HETATM 514 C  C1B . HEC B 2 .  ? 0.549   -2.527  0.996   1.00 2.00  ? 93  HEC A C1B 1 
HETATM 515 C  C2B . HEC B 2 .  ? 1.060   -1.239  1.453   1.00 2.26  ? 93  HEC A C2B 1 
HETATM 516 C  C3B . HEC B 2 .  ? 1.990   -1.471  2.388   1.00 2.54  ? 93  HEC A C3B 1 
HETATM 517 C  C4B . HEC B 2 .  ? 2.104   -2.909  2.561   1.00 2.77  ? 93  HEC A C4B 1 
HETATM 518 C  CMB . HEC B 2 .  ? 0.566   0.127   0.898   1.00 2.54  ? 93  HEC A CMB 1 
HETATM 519 C  CAB . HEC B 2 .  ? 2.845   -0.472  3.196   1.00 6.86  ? 93  HEC A CAB 1 
HETATM 520 C  CBB . HEC B 2 .  ? 3.533   -0.854  4.274   1.00 16.17 ? 93  HEC A CBB 1 
HETATM 521 N  NC  . HEC B 2 .  ? 2.477   -5.846  2.792   1.00 2.65  ? 93  HEC A NC  1 
HETATM 522 C  C1C . HEC B 2 .  ? 3.184   -4.887  3.450   1.00 3.98  ? 93  HEC A C1C 1 
HETATM 523 C  C2C . HEC B 2 .  ? 4.234   -5.565  4.191   1.00 3.06  ? 93  HEC A C2C 1 
HETATM 524 C  C3C . HEC B 2 .  ? 4.113   -6.870  3.961   1.00 3.28  ? 93  HEC A C3C 1 
HETATM 525 C  C4C . HEC B 2 .  ? 2.993   -7.072  3.075   1.00 2.77  ? 93  HEC A C4C 1 
HETATM 526 C  CMC . HEC B 2 .  ? 5.270   -4.829  5.076   1.00 6.69  ? 93  HEC A CMC 1 
HETATM 527 C  CAC . HEC B 2 .  ? 4.968   -8.042  4.516   1.00 5.09  ? 93  HEC A CAC 1 
HETATM 528 C  CBC . HEC B 2 .  ? 5.143   -8.119  5.854   1.00 9.06  ? 93  HEC A CBC 1 
HETATM 529 N  ND  . HEC B 2 .  ? 0.727   -7.505  1.234   1.00 3.35  ? 93  HEC A ND  1 
HETATM 530 C  C1D . HEC B 2 .  ? 1.511   -8.451  1.794   1.00 3.52  ? 93  HEC A C1D 1 
HETATM 531 C  C2D . HEC B 2 .  ? 0.982   -9.738  1.357   1.00 2.00  ? 93  HEC A C2D 1 
HETATM 532 C  C3D . HEC B 2 .  ? -0.054  -9.476  0.552   1.00 2.63  ? 93  HEC A C3D 1 
HETATM 533 C  C4D . HEC B 2 .  ? -0.245  -8.045  0.465   1.00 2.48  ? 93  HEC A C4D 1 
HETATM 534 C  CMD . HEC B 2 .  ? 1.583   -11.105 1.749   1.00 3.05  ? 93  HEC A CMD 1 
HETATM 535 C  CAD . HEC B 2 .  ? -0.985  -10.477 -0.183  1.00 3.53  ? 93  HEC A CAD 1 
HETATM 536 C  CBD . HEC B 2 .  ? -2.359  -10.510 0.522   1.00 4.29  ? 93  HEC A CBD 1 
HETATM 537 C  CGD . HEC B 2 .  ? -3.501  -10.656 -0.437  1.00 9.00  ? 93  HEC A CGD 1 
HETATM 538 O  O1D . HEC B 2 .  ? -3.835  -9.646  -1.107  1.00 8.46  ? 93  HEC A O1D 1 
HETATM 539 O  O2D . HEC B 2 .  ? -4.041  -11.787 -0.529  1.00 11.20 ? 93  HEC A O2D 1 
HETATM 540 O  O   . HOH C 3 .  ? -6.199  -8.942  -2.080  1.00 5.47  ? 94  HOH A O   1 
HETATM 541 O  O   . HOH C 3 .  ? -0.918  -3.063  7.473   1.00 7.08  ? 95  HOH A O   1 
HETATM 542 O  O   . HOH C 3 .  ? -8.517  -2.467  12.845  1.00 7.85  ? 96  HOH A O   1 
HETATM 543 O  O   . HOH C 3 .  ? -12.717 5.317   5.006   1.00 8.12  ? 97  HOH A O   1 
HETATM 544 O  O   . HOH C 3 .  ? -1.670  10.967  -1.170  1.00 11.53 ? 98  HOH A O   1 
HETATM 545 O  O   . HOH C 3 .  ? -7.043  -6.736  11.202  1.00 11.28 ? 99  HOH A O   1 
HETATM 546 O  O   . HOH C 3 .  ? 11.097  -4.687  -11.869 1.00 12.47 ? 100 HOH A O   1 
HETATM 547 O  O   . HOH C 3 .  ? -5.966  -9.150  8.486   1.00 16.47 ? 101 HOH A O   1 
HETATM 548 O  O   . HOH C 3 .  ? 9.613   12.785  3.308   1.00 10.73 ? 102 HOH A O   1 
HETATM 549 O  O   . HOH C 3 .  ? -10.012 -4.267  0.938   1.00 10.43 ? 103 HOH A O   1 
HETATM 550 O  O   . HOH C 3 .  ? -6.933  -8.375  -7.037  1.00 11.61 ? 104 HOH A O   1 
HETATM 551 O  O   . HOH C 3 .  ? -11.254 7.777   5.394   1.00 12.29 ? 105 HOH A O   1 
HETATM 552 O  O   . HOH C 3 .  ? 13.924  2.989   -0.103  1.00 10.24 ? 106 HOH A O   1 
HETATM 553 O  O   . HOH C 3 .  ? -0.053  -3.829  -8.874  1.00 10.04 ? 107 HOH A O   1 
HETATM 554 O  O   . HOH C 3 .  ? -10.212 -5.866  -1.280  1.00 21.09 ? 108 HOH A O   1 
HETATM 555 O  O   . HOH C 3 .  ? 0.771   -5.248  -11.097 1.00 14.41 ? 109 HOH A O   1 
HETATM 556 O  O   . HOH C 3 .  ? 9.691   -1.646  3.924   1.00 9.86  ? 110 HOH A O   1 
HETATM 557 O  O   . HOH C 3 .  ? -12.433 -3.985  1.553   1.00 23.52 ? 111 HOH A O   1 
HETATM 558 O  O   . HOH C 3 .  ? 9.986   13.373  -0.196  1.00 10.31 ? 112 HOH A O   1 
HETATM 559 O  O   . HOH C 3 .  ? -12.881 4.307   -2.728  1.00 12.17 ? 113 HOH A O   1 
HETATM 560 O  O   . HOH C 3 .  ? 6.816   -2.420  7.385   1.00 13.03 ? 114 HOH A O   1 
HETATM 561 O  O   . HOH C 3 .  ? -3.785  11.925  4.558   1.00 15.15 ? 115 HOH A O   1 
HETATM 562 O  O   . HOH C 3 .  ? -10.277 4.508   -6.107  1.00 15.31 ? 116 HOH A O   1 
HETATM 563 O  O   . HOH C 3 .  ? 10.716  -9.247  -0.013  1.00 16.71 ? 117 HOH A O   1 
HETATM 564 O  O   . HOH C 3 .  ? -8.599  3.015   -7.849  1.00 15.42 ? 118 HOH A O   1 
HETATM 565 O  O   . HOH C 3 .  ? 13.551  1.591   -3.412  1.00 16.21 ? 119 HOH A O   1 
HETATM 566 O  O   . HOH C 3 .  ? -6.512  12.301  5.728   1.00 22.46 ? 120 HOH A O   1 
HETATM 567 O  O   . HOH C 3 .  ? -14.591 -0.398  3.551   1.00 18.63 ? 121 HOH A O   1 
HETATM 568 O  O   . HOH C 3 .  ? 1.140   5.464   10.193  1.00 11.06 ? 122 HOH A O   1 
HETATM 569 O  O   . HOH C 3 .  ? 8.663   11.506  -1.746  1.00 14.38 ? 123 HOH A O   1 
HETATM 570 O  O   . HOH C 3 .  ? -6.928  -11.901 7.148   1.00 22.01 ? 124 HOH A O   1 
HETATM 571 O  O   . HOH C 3 .  ? -6.336  -4.540  -13.871 1.00 34.44 ? 125 HOH A O   1 
HETATM 572 O  O   . HOH C 3 .  ? 8.180   4.811   -5.344  1.00 23.80 ? 126 HOH A O   1 
HETATM 573 O  O   . HOH C 3 .  ? 12.559  -2.045  3.490   1.00 21.67 ? 127 HOH A O   1 
HETATM 574 O  O   . HOH C 3 .  ? -14.776 0.862   -2.611  1.00 20.24 ? 128 HOH A O   1 
HETATM 575 O  O   . HOH C 3 .  ? 8.976   -2.772  6.351   1.00 23.34 ? 129 HOH A O   1 
HETATM 576 O  O   . HOH C 3 .  ? -0.177  8.269   -7.541  1.00 21.86 ? 130 HOH A O   1 
HETATM 577 O  O   . HOH C 3 .  ? -8.150  -11.912 5.046   1.00 24.49 ? 131 HOH A O   1 
HETATM 578 O  O   . HOH C 3 .  ? 2.442   -8.239  -11.229 1.00 20.84 ? 132 HOH A O   1 
HETATM 579 O  O   . HOH C 3 .  ? -0.662  -6.507  13.137  1.00 23.51 ? 133 HOH A O   1 
HETATM 580 O  O   . HOH C 3 .  ? 4.912   11.431  -1.852  1.00 21.68 ? 134 HOH A O   1 
HETATM 581 O  O   . HOH C 3 .  ? 13.187  -2.195  -12.159 1.00 23.39 ? 135 HOH A O   1 
HETATM 582 O  O   . HOH C 3 .  ? 9.577   -10.299 3.360   1.00 27.86 ? 136 HOH A O   1 
HETATM 583 O  O   . HOH C 3 .  ? -2.589  -4.046  -14.712 1.00 21.17 ? 137 HOH A O   1 
HETATM 584 O  O   . HOH C 3 .  ? -0.990  9.641   10.255  1.00 18.96 ? 138 HOH A O   1 
HETATM 585 O  O   . HOH C 3 .  ? 0.000   1.810   -16.704 1.00 24.88 ? 139 HOH A O   1 
HETATM 586 O  O   . HOH C 3 .  ? 3.234   -10.831 5.826   1.00 18.93 ? 140 HOH A O   1 
HETATM 587 O  O   . HOH C 3 .  ? 7.312   4.401   -3.257  1.00 17.77 ? 141 HOH A O   1 
HETATM 588 O  O   . HOH C 3 .  ? 2.095   -3.975  12.039  1.00 21.96 ? 142 HOH A O   1 
HETATM 589 O  O   . HOH C 3 .  ? -4.940  11.922  1.895   1.00 31.71 ? 143 HOH A O   1 
HETATM 590 O  O   . HOH C 3 .  ? 1.263   2.177   -12.158 1.00 20.27 ? 144 HOH A O   1 
HETATM 591 O  O   . HOH C 3 .  ? -4.239  10.645  11.434  1.00 26.08 ? 145 HOH A O   1 
HETATM 592 O  O   . HOH C 3 .  ? 4.676   0.223   10.704  1.00 20.06 ? 146 HOH A O   1 
HETATM 593 O  O   . HOH C 3 .  ? -11.596 1.448   -8.544  1.00 26.41 ? 147 HOH A O   1 
HETATM 594 O  O   . HOH C 3 .  ? 7.306   -15.324 -1.535  1.00 22.01 ? 148 HOH A O   1 
HETATM 595 O  O   . HOH C 3 .  ? -11.402 5.917   1.446   1.00 27.80 ? 149 HOH A O   1 
HETATM 596 O  O   . HOH C 3 .  ? -8.993  6.071   -9.427  1.00 25.47 ? 150 HOH A O   1 
HETATM 597 O  O   . HOH C 3 .  ? -8.973  -6.631  5.011   1.00 22.85 ? 151 HOH A O   1 
HETATM 598 O  O   . HOH C 3 .  ? -1.813  5.465   -13.187 1.00 22.80 ? 152 HOH A O   1 
HETATM 599 O  O   . HOH C 3 .  ? 12.828  0.920   3.565   1.00 18.10 ? 153 HOH A O   1 
HETATM 600 O  O   . HOH C 3 .  ? 0.216   7.762   11.387  1.00 28.68 ? 154 HOH A O   1 
HETATM 601 O  O   . HOH C 3 .  ? -7.472  7.652   1.392   1.00 28.55 ? 155 HOH A O   1 
HETATM 602 O  O   . HOH C 3 .  ? 7.300   12.061  -4.444  1.00 26.10 ? 156 HOH A O   1 
HETATM 603 O  O   . HOH C 3 .  ? 10.220  9.544   8.395   1.00 26.64 ? 157 HOH A O   1 
HETATM 604 O  O   . HOH C 3 .  ? 12.985  1.082   5.929   1.00 29.75 ? 158 HOH A O   1 
HETATM 605 O  O   . HOH C 3 .  ? 8.577   -14.256 -4.096  1.00 22.25 ? 159 HOH A O   1 
HETATM 606 O  O   . HOH C 3 .  ? 2.125   4.642   -11.938 1.00 31.77 ? 160 HOH A O   1 
HETATM 607 O  O   . HOH C 3 .  ? -11.537 4.945   -6.557  1.00 19.35 ? 161 HOH A O   1 
HETATM 608 O  O   . HOH C 3 .  ? 4.887   -7.579  -11.446 1.00 25.45 ? 162 HOH A O   1 
HETATM 609 O  O   . HOH C 3 .  ? -0.775  -0.411  -16.467 1.00 26.66 ? 163 HOH A O   1 
HETATM 610 O  O   . HOH C 3 .  ? -6.735  8.856   -5.166  1.00 26.12 ? 164 HOH A O   1 
HETATM 611 O  O   . HOH C 3 .  ? -11.352 -2.616  -9.246  1.00 30.53 ? 165 HOH A O   1 
HETATM 612 O  O   . HOH C 3 .  ? 7.498   0.675   -10.479 1.00 20.44 ? 166 HOH A O   1 
HETATM 613 O  O   . HOH C 3 .  ? 6.238   -4.732  8.306   1.00 30.87 ? 167 HOH A O   1 
HETATM 614 O  O   . HOH C 3 .  ? 9.428   -0.553  -12.332 1.00 31.33 ? 168 HOH A O   1 
HETATM 615 O  O   . HOH C 3 .  ? 8.768   -7.207  6.184   1.00 27.25 ? 169 HOH A O   1 
HETATM 616 O  O   . HOH C 3 .  ? 6.923   -0.647  9.317   1.00 31.49 ? 170 HOH A O   1 
HETATM 617 O  O   . HOH C 3 .  ? 0.264   -5.280  -16.031 1.00 25.48 ? 171 HOH A O   1 
HETATM 618 O  O   . HOH C 3 .  ? 9.993   3.359   -7.100  1.00 33.73 ? 172 HOH A O   1 
HETATM 619 O  O   . HOH C 3 .  ? -9.711  -11.890 4.312   1.00 29.18 ? 173 HOH A O   1 
HETATM 620 O  O   . HOH C 3 .  ? 2.687   -5.304  -11.591 1.00 33.35 ? 174 HOH A O   1 
HETATM 621 O  O   . HOH C 3 .  ? -12.803 -2.735  -6.606  1.00 32.00 ? 175 HOH A O   1 
HETATM 622 O  O   . HOH C 3 .  ? -10.068 -4.228  -11.755 1.00 22.29 ? 176 HOH A O   1 
HETATM 623 O  O   . HOH C 3 .  ? -15.192 3.040   -2.724  1.00 34.99 ? 177 HOH A O   1 
HETATM 624 O  O   . HOH C 3 .  ? 2.459   3.906   11.907  1.00 32.03 ? 178 HOH A O   1 
HETATM 625 O  O   . HOH C 3 .  ? -15.013 -0.944  -0.303  1.00 34.25 ? 179 HOH A O   1 
HETATM 626 O  O   . HOH C 3 .  ? -13.555 -1.869  1.284   1.00 22.57 ? 180 HOH A O   1 
HETATM 627 O  O   . HOH C 3 .  ? 9.296   -4.982  -13.538 1.00 33.20 ? 181 HOH A O   1 
HETATM 628 O  O   . HOH C 3 .  ? 1.779   1.594   12.545  1.00 26.16 ? 182 HOH A O   1 
HETATM 629 O  O   . HOH C 3 .  ? 2.078   12.673  -1.607  1.00 34.86 ? 183 HOH A O   1 
HETATM 630 O  O   . HOH C 3 .  ? 1.298   17.697  4.305   1.00 35.23 ? 184 HOH A O   1 
HETATM 631 O  O   . HOH C 3 .  ? -2.054  11.242  -3.857  1.00 32.63 ? 185 HOH A O   1 
HETATM 632 O  O   . HOH C 3 .  ? -1.642  -1.792  -16.063 1.00 27.64 ? 186 HOH A O   1 
HETATM 633 O  O   . HOH C 3 .  ? 9.698   -15.477 -0.143  1.00 38.55 ? 187 HOH A O   1 
HETATM 634 O  O   . HOH C 3 .  ? 1.503   2.005   15.558  1.00 27.93 ? 188 HOH A O   1 
HETATM 635 O  O   . HOH C 3 .  ? -6.889  7.308   -13.397 1.00 34.19 ? 189 HOH A O   1 
HETATM 636 O  O   . HOH C 3 .  ? -12.266 6.342   -1.043  1.00 26.87 ? 190 HOH A O   1 
HETATM 637 O  O   . HOH C 3 .  ? -11.100 -5.470  -9.614  1.00 25.55 ? 191 HOH A O   1 
HETATM 638 O  O   . HOH C 3 .  ? -0.211  8.109   -10.078 1.00 32.12 ? 192 HOH A O   1 
HETATM 639 O  O   . HOH C 3 .  ? -12.413 3.110   -7.313  1.00 49.19 ? 193 HOH A O   1 
HETATM 640 O  O   . HOH C 3 .  ? 3.599   1.215   15.530  1.00 42.01 ? 194 HOH A O   1 
HETATM 641 O  O   . HOH C 3 .  ? 3.259   1.043   -13.126 1.00 54.40 ? 195 HOH A O   1 
HETATM 642 O  O   . HOH C 3 .  ? -3.424  12.498  -0.213  1.00 39.67 ? 196 HOH A O   1 
HETATM 643 O  O   . HOH C 3 .  ? -0.356  5.177   -13.271 1.00 29.71 ? 197 HOH A O   1 
HETATM 644 O  O   . HOH C 3 .  ? 5.333   12.190  5.474   1.00 25.68 ? 198 HOH A O   1 
HETATM 645 O  O   . HOH C 3 .  ? 0.743   -1.801  -17.620 1.00 24.49 ? 199 HOH A O   1 
HETATM 646 O  O   . HOH C 3 .  ? 2.925   -1.149  -17.676 1.00 32.66 ? 200 HOH A O   1 
HETATM 647 O  O   . HOH C 3 .  ? 8.422   2.131   9.965   1.00 46.52 ? 201 HOH A O   1 
HETATM 648 O  O   . HOH C 3 .  ? 1.692   17.341  6.115   1.00 26.08 ? 202 HOH A O   1 
HETATM 649 O  O   . HOH C 3 .  ? 3.935   -2.404  12.165  1.00 45.67 ? 203 HOH A O   1 
HETATM 650 O  O   . HOH C 3 .  ? -10.070 8.202   6.210   1.00 23.73 ? 204 HOH A O   1 
HETATM 651 O  O   . HOH C 3 .  ? 10.492  -13.722 2.419   1.00 38.29 ? 205 HOH A O   1 
HETATM 652 O  O   . HOH C 3 .  ? -9.204  7.546   -5.399  1.00 38.25 ? 206 HOH A O   1 
HETATM 653 O  O   . HOH C 3 .  ? 6.506   4.223   -7.412  1.00 41.22 ? 207 HOH A O   1 
HETATM 654 O  O   . HOH C 3 .  ? 3.075   15.712  3.956   1.00 22.98 ? 208 HOH A O   1 
HETATM 655 O  O   . HOH C 3 .  ? 10.240  7.721   -7.829  1.00 36.31 ? 209 HOH A O   1 
HETATM 656 O  O   . HOH C 3 .  ? 4.754   11.469  9.578   1.00 36.89 ? 210 HOH A O   1 
HETATM 657 O  O   . HOH C 3 .  ? 0.191   12.710  -5.121  1.00 37.51 ? 211 HOH A O   1 
HETATM 658 O  O   . HOH C 3 .  ? 7.994   11.656  5.456   1.00 37.36 ? 212 HOH A O   1 
HETATM 659 O  O   . HOH C 3 .  ? -8.669  10.571  -0.180  1.00 26.68 ? 213 HOH A O   1 
HETATM 660 O  O   . HOH C 3 .  ? -12.715 -7.167  2.851   1.00 39.41 ? 214 HOH A O   1 
HETATM 661 O  O   . HOH C 3 .  ? -10.062 -6.083  2.616   1.00 36.33 ? 215 HOH A O   1 
HETATM 662 O  O   . HOH C 3 .  ? -4.553  8.271   -12.142 1.00 50.95 ? 216 HOH A O   1 
HETATM 663 O  O   . HOH C 3 .  ? -2.053  7.459   13.304  1.00 35.62 ? 217 HOH A O   1 
HETATM 664 O  O   . HOH C 3 .  ? 8.427   -11.491 -7.131  1.00 39.14 ? 218 HOH A O   1 
HETATM 665 O  O   . HOH C 3 .  ? 9.408   6.237   10.380  1.00 37.16 ? 219 HOH A O   1 
HETATM 666 O  O   . HOH C 3 .  ? -8.138  -10.885 7.426   1.00 29.50 ? 220 HOH A O   1 
HETATM 667 O  O   . HOH C 3 .  ? 13.230  -7.426  1.994   1.00 54.54 ? 221 HOH A O   1 
# 
